data_9OPW
#
_entry.id   9OPW
#
_cell.length_a   1.00
_cell.length_b   1.00
_cell.length_c   1.00
_cell.angle_alpha   90.00
_cell.angle_beta   90.00
_cell.angle_gamma   90.00
#
_symmetry.space_group_name_H-M   'P 1'
#
loop_
_entity.id
_entity.type
_entity.pdbx_description
1 polymer 'Taste receptor type 1 member 2'
2 polymer 'Taste receptor type 1 member 3'
#
loop_
_entity_poly.entity_id
_entity_poly.type
_entity_poly.pdbx_seq_one_letter_code
_entity_poly.pdbx_strand_id
1 'polypeptide(L)'
;SDFYLPGDYLLGGLFSLHANMKGIVHLNFLQVPMCKEYEVKVIGYNLMQAMRFAVEEINNDSSLLPGVLLGYEIVDVCYI
SNNVQPVLYFLAHEDNLLPIQEDYSNYSSRVVAVIGPDNSESVMTVANFLSLFLLPQITYSAISDELRDKVRFPALLRTT
PSADHHIEAMVQLMLHFRWNWIIVLVSNDTYGRDNGQLLGERVARRGICIAFQETLPTLQPNQNMTSEERQRLVTIVDKL
QQSTARVVVVFSPDLTLYHFFNEVLRQNFTGAVWIASESWAIDPVLHNLTELRHLGTFLGITIQSVPIPGFSEFREWGPQ
AGPPPLSRTSQSYTCNQECDNCLNATLSFNTILRLSGERVVYSVYSAVYAVAHALHSLLGCDKSTCTKRVVYPWQLLEEI
WKVNFTLLDHQIFFDPQGDVALHLEIVQWQWDRSQNPFQSVASYYPLQRQLKNIQDISWHTINNTIPMSMCSKRCQSGQK
KKPVGIHVCCFECIDCLPGTFLNHTEDEYECQACPNNEWSYQSETSCFKRQ
;
A
2 'polypeptide(L)'
;LCLSQQFKAQGDYILGGLFPLGSTEEATLNQRTQPNSIPCNRFSPLGLFLAMAMKMAVEEINNGSALLPGLRLGYDLFDT
CSEPVVTMKSSLMFLAKVGSQSIAAYCNYTQYQPRVLAVIGPHSSELALITGKFFSFFLMPQVSYSASMDRLSDRETFPS
FFRTVPSDRVQLQAVVTLLQNFSWNWVAALGSDDDYGREGLSIFSSLANARGICIAHEGLVPQHDTSGQQLGKVLDVLRQ
VNQSKVQVVVLFASARAVYSLFSYSIHHGLSPKVWVASESWLTSDLVMTLPNIARVGTVLGFLQRGALLPEFSHYVETHL
ALAADPAFCASLNAELDLEEHVMGQRCPRCDDIMLQNLSSGLLQNLSAGQLHHQIFATYAAVYSVAQALHNTLQCNVSHC
HVSEHVLPWQLLENMYNMSFHARDLTLQFDAEGNVDMEYDLKMWVWQSPTPVLHTVGTFNGTLQLQQSKMYWPGNQVPVS
QCSRQCKDGQVRRVKGFHSCCYDCVDCKAGSYRKHPDDFTCTPCNQDQWSPEKSTACLPRR
;
B
#
# COMPACT_ATOMS: atom_id res chain seq x y z
N SER A 1 -3.12 -25.59 29.43
CA SER A 1 -3.35 -24.14 29.72
C SER A 1 -4.75 -23.72 29.30
N ASP A 2 -5.15 -22.51 29.68
CA ASP A 2 -6.46 -21.98 29.34
C ASP A 2 -6.54 -21.49 27.90
N PHE A 3 -5.49 -21.67 27.11
CA PHE A 3 -5.53 -21.36 25.69
C PHE A 3 -6.38 -22.34 24.89
N TYR A 4 -6.84 -23.43 25.51
CA TYR A 4 -7.48 -24.52 24.80
C TYR A 4 -8.70 -25.02 25.56
N LEU A 5 -9.76 -25.31 24.83
CA LEU A 5 -10.93 -26.02 25.32
C LEU A 5 -11.29 -27.12 24.33
N PRO A 6 -11.55 -28.35 24.79
CA PRO A 6 -12.09 -29.36 23.89
C PRO A 6 -13.55 -29.10 23.59
N GLY A 7 -14.02 -29.73 22.52
CA GLY A 7 -15.42 -29.58 22.14
C GLY A 7 -15.72 -30.35 20.88
N ASP A 8 -16.99 -30.28 20.46
CA ASP A 8 -17.39 -30.90 19.21
C ASP A 8 -16.85 -30.12 18.01
N TYR A 9 -16.80 -28.79 18.10
CA TYR A 9 -16.25 -27.96 17.04
C TYR A 9 -15.43 -26.84 17.68
N LEU A 10 -14.28 -26.55 17.08
CA LEU A 10 -13.31 -25.64 17.67
C LEU A 10 -13.19 -24.36 16.85
N LEU A 11 -13.13 -23.23 17.55
CA LEU A 11 -12.77 -21.96 16.95
C LEU A 11 -11.27 -21.70 17.10
N GLY A 12 -10.67 -21.12 16.07
CA GLY A 12 -9.30 -20.65 16.16
C GLY A 12 -9.27 -19.17 16.49
N GLY A 13 -8.32 -18.78 17.32
CA GLY A 13 -8.19 -17.39 17.74
C GLY A 13 -6.76 -16.89 17.70
N LEU A 14 -6.56 -15.72 17.11
CA LEU A 14 -5.24 -15.11 17.02
C LEU A 14 -5.28 -13.74 17.70
N PHE A 15 -4.49 -13.58 18.76
CA PHE A 15 -4.39 -12.32 19.46
C PHE A 15 -2.92 -12.07 19.82
N SER A 16 -2.56 -10.78 19.90
CA SER A 16 -1.21 -10.37 20.23
C SER A 16 -1.15 -10.07 21.73
N LEU A 17 -0.70 -11.05 22.51
CA LEU A 17 -0.56 -10.87 23.95
C LEU A 17 0.75 -10.17 24.33
N HIS A 18 1.75 -10.24 23.46
CA HIS A 18 3.04 -9.61 23.71
C HIS A 18 3.36 -8.61 22.60
N ALA A 19 4.01 -7.52 22.97
CA ALA A 19 4.35 -6.47 22.03
C ALA A 19 5.32 -6.98 20.96
N ASN A 28 20.39 -12.02 13.75
CA ASN A 28 20.67 -13.30 13.11
C ASN A 28 19.37 -13.99 12.71
N PHE A 29 19.16 -14.14 11.41
CA PHE A 29 17.92 -14.72 10.91
C PHE A 29 17.78 -16.19 11.27
N LEU A 30 18.87 -16.87 11.62
CA LEU A 30 18.76 -18.27 12.04
C LEU A 30 18.16 -18.41 13.44
N GLN A 31 18.22 -17.35 14.25
CA GLN A 31 17.62 -17.39 15.59
C GLN A 31 16.12 -17.18 15.48
N VAL A 32 15.35 -18.19 15.89
CA VAL A 32 13.90 -18.13 15.85
C VAL A 32 13.42 -17.14 16.91
N PRO A 33 12.64 -16.11 16.55
CA PRO A 33 12.13 -15.19 17.57
C PRO A 33 11.02 -15.82 18.39
N MET A 34 10.89 -15.34 19.62
CA MET A 34 9.91 -15.85 20.58
C MET A 34 9.19 -14.68 21.24
N CYS A 35 7.89 -14.86 21.50
CA CYS A 35 7.08 -13.77 22.04
C CYS A 35 7.55 -13.33 23.42
N LYS A 36 8.12 -14.25 24.21
CA LYS A 36 8.57 -13.92 25.55
C LYS A 36 9.63 -12.83 25.57
N GLU A 37 10.22 -12.50 24.42
CA GLU A 37 11.19 -11.42 24.34
C GLU A 37 10.55 -10.04 24.49
N TYR A 38 9.23 -9.94 24.45
CA TYR A 38 8.54 -8.66 24.42
C TYR A 38 7.62 -8.51 25.63
N GLU A 39 7.37 -7.26 26.01
CA GLU A 39 6.50 -6.96 27.14
C GLU A 39 5.05 -7.34 26.82
N VAL A 40 4.29 -7.60 27.87
CA VAL A 40 2.88 -7.93 27.72
C VAL A 40 2.11 -6.71 27.24
N LYS A 41 1.13 -6.94 26.36
CA LYS A 41 0.17 -5.93 25.94
C LYS A 41 -1.20 -6.35 26.44
N VAL A 42 -1.78 -5.53 27.32
CA VAL A 42 -2.98 -5.93 28.06
C VAL A 42 -4.23 -5.93 27.18
N ILE A 43 -4.24 -5.13 26.11
CA ILE A 43 -5.41 -5.08 25.24
C ILE A 43 -5.69 -6.46 24.63
N GLY A 44 -4.63 -7.11 24.13
CA GLY A 44 -4.80 -8.43 23.56
C GLY A 44 -5.29 -9.46 24.57
N TYR A 45 -4.84 -9.35 25.82
CA TYR A 45 -5.35 -10.23 26.86
C TYR A 45 -6.84 -9.98 27.09
N ASN A 46 -7.25 -8.72 27.09
CA ASN A 46 -8.68 -8.41 27.22
C ASN A 46 -9.48 -9.03 26.08
N LEU A 47 -8.95 -8.94 24.84
CA LEU A 47 -9.67 -9.53 23.71
C LEU A 47 -9.75 -11.04 23.81
N MET A 48 -8.66 -11.69 24.23
CA MET A 48 -8.70 -13.14 24.47
C MET A 48 -9.79 -13.47 25.47
N GLN A 49 -9.85 -12.73 26.59
CA GLN A 49 -10.86 -12.99 27.59
C GLN A 49 -12.26 -12.74 27.05
N ALA A 50 -12.41 -11.77 26.15
CA ALA A 50 -13.70 -11.55 25.50
C ALA A 50 -14.13 -12.79 24.72
N MET A 51 -13.20 -13.35 23.94
CA MET A 51 -13.53 -14.57 23.19
C MET A 51 -13.89 -15.71 24.13
N ARG A 52 -13.11 -15.88 25.20
CA ARG A 52 -13.39 -16.97 26.15
C ARG A 52 -14.75 -16.80 26.80
N PHE A 53 -15.08 -15.57 27.21
CA PHE A 53 -16.38 -15.31 27.81
C PHE A 53 -17.49 -15.62 26.83
N ALA A 54 -17.35 -15.17 25.57
CA ALA A 54 -18.39 -15.42 24.58
C ALA A 54 -18.59 -16.91 24.38
N VAL A 55 -17.50 -17.67 24.23
CA VAL A 55 -17.65 -19.10 23.92
C VAL A 55 -18.26 -19.85 25.10
N GLU A 56 -17.80 -19.55 26.32
CA GLU A 56 -18.36 -20.27 27.47
C GLU A 56 -19.81 -19.87 27.73
N GLU A 57 -20.15 -18.60 27.53
CA GLU A 57 -21.54 -18.17 27.64
C GLU A 57 -22.41 -18.91 26.62
N ILE A 58 -21.91 -19.05 25.39
CA ILE A 58 -22.65 -19.80 24.37
C ILE A 58 -22.82 -21.25 24.81
N ASN A 59 -21.79 -21.84 25.41
CA ASN A 59 -21.92 -23.19 25.91
C ASN A 59 -22.96 -23.28 27.02
N ASN A 60 -23.13 -22.21 27.79
CA ASN A 60 -24.17 -22.19 28.81
C ASN A 60 -25.57 -21.99 28.24
N ASP A 61 -25.68 -21.28 27.13
CA ASP A 61 -26.98 -20.98 26.52
C ASP A 61 -27.53 -22.23 25.85
N SER A 62 -28.55 -22.83 26.46
CA SER A 62 -29.15 -24.06 25.93
C SER A 62 -29.95 -23.83 24.65
N SER A 63 -30.27 -22.57 24.31
CA SER A 63 -31.12 -22.28 23.16
C SER A 63 -30.35 -22.05 21.88
N LEU A 64 -29.02 -22.02 21.92
CA LEU A 64 -28.19 -21.71 20.77
C LEU A 64 -27.51 -22.95 20.19
N LEU A 65 -26.85 -23.74 21.02
CA LEU A 65 -26.21 -24.98 20.60
C LEU A 65 -26.53 -26.07 21.62
N PRO A 66 -27.78 -26.55 21.63
CA PRO A 66 -28.16 -27.57 22.61
C PRO A 66 -27.39 -28.87 22.44
N GLY A 67 -26.61 -29.23 23.46
CA GLY A 67 -25.86 -30.47 23.46
C GLY A 67 -24.57 -30.45 22.65
N VAL A 68 -24.23 -29.32 22.04
CA VAL A 68 -23.01 -29.18 21.25
C VAL A 68 -22.07 -28.23 21.97
N LEU A 69 -20.82 -28.63 22.12
CA LEU A 69 -19.81 -27.84 22.80
C LEU A 69 -18.92 -27.12 21.81
N LEU A 70 -18.79 -25.81 21.96
CA LEU A 70 -17.76 -25.05 21.26
C LEU A 70 -16.45 -25.11 22.04
N GLY A 71 -15.40 -25.66 21.42
CA GLY A 71 -14.06 -25.54 21.92
C GLY A 71 -13.34 -24.39 21.25
N TYR A 72 -12.05 -24.25 21.58
CA TYR A 72 -11.25 -23.22 20.92
C TYR A 72 -9.78 -23.55 21.02
N GLU A 73 -9.03 -23.04 20.05
CA GLU A 73 -7.57 -23.09 20.02
C GLU A 73 -7.07 -21.67 19.79
N ILE A 74 -6.51 -21.06 20.83
CA ILE A 74 -6.03 -19.68 20.76
C ILE A 74 -4.51 -19.70 20.72
N VAL A 75 -3.93 -18.87 19.86
CA VAL A 75 -2.48 -18.82 19.67
C VAL A 75 -2.04 -17.36 19.70
N ASP A 76 -0.95 -17.09 20.42
CA ASP A 76 -0.40 -15.74 20.50
C ASP A 76 0.43 -15.43 19.25
N VAL A 77 0.21 -14.25 18.68
CA VAL A 77 0.93 -13.79 17.49
C VAL A 77 1.61 -12.47 17.84
N CYS A 78 2.92 -12.38 17.61
CA CYS A 78 3.68 -11.14 17.81
C CYS A 78 3.55 -10.26 16.57
N TYR A 79 2.35 -9.69 16.43
CA TYR A 79 1.92 -8.95 15.23
C TYR A 79 2.36 -9.69 13.96
N ILE A 80 3.17 -9.06 13.12
CA ILE A 80 3.53 -9.64 11.83
C ILE A 80 4.59 -10.73 11.94
N SER A 81 5.36 -10.76 13.03
CA SER A 81 6.58 -11.58 13.06
C SER A 81 6.31 -13.08 13.12
N ASN A 82 5.06 -13.50 13.40
CA ASN A 82 4.71 -14.93 13.39
C ASN A 82 3.26 -15.04 12.90
N ASN A 83 3.09 -15.36 11.62
CA ASN A 83 1.77 -15.53 11.03
C ASN A 83 1.61 -16.82 10.24
N VAL A 84 2.69 -17.52 9.91
CA VAL A 84 2.58 -18.73 9.09
C VAL A 84 2.27 -19.95 9.96
N GLN A 85 3.00 -20.10 11.07
CA GLN A 85 2.92 -21.31 11.88
C GLN A 85 1.52 -21.54 12.44
N PRO A 86 0.88 -20.52 13.02
CA PRO A 86 -0.47 -20.75 13.56
C PRO A 86 -1.46 -21.21 12.52
N VAL A 87 -1.35 -20.71 11.29
CA VAL A 87 -2.28 -21.11 10.23
C VAL A 87 -2.09 -22.57 9.86
N LEU A 88 -0.83 -23.00 9.72
CA LEU A 88 -0.57 -24.41 9.47
C LEU A 88 -1.08 -25.28 10.61
N TYR A 89 -0.90 -24.83 11.85
CA TYR A 89 -1.38 -25.58 13.00
C TYR A 89 -2.91 -25.70 12.97
N PHE A 90 -3.60 -24.63 12.57
CA PHE A 90 -5.05 -24.68 12.46
C PHE A 90 -5.49 -25.62 11.34
N LEU A 91 -4.78 -25.60 10.20
CA LEU A 91 -5.26 -26.33 9.02
C LEU A 91 -4.99 -27.83 9.11
N ALA A 92 -3.97 -28.27 9.83
CA ALA A 92 -3.61 -29.67 9.84
C ALA A 92 -4.70 -30.50 10.54
N HIS A 93 -4.84 -31.78 10.16
CA HIS A 93 -5.91 -32.66 10.71
C HIS A 93 -5.28 -33.91 11.34
N GLU A 94 -5.04 -34.95 10.54
CA GLU A 94 -4.53 -36.22 11.10
C GLU A 94 -3.04 -36.13 11.47
N ASP A 95 -2.70 -36.44 12.72
CA ASP A 95 -1.27 -36.46 13.16
C ASP A 95 -0.56 -35.16 12.76
N ASN A 96 -1.20 -34.00 12.95
CA ASN A 96 -0.55 -32.69 12.65
C ASN A 96 0.00 -32.73 11.23
N LEU A 97 -0.69 -33.44 10.31
CA LEU A 97 -0.24 -33.50 8.90
C LEU A 97 -1.29 -32.79 8.03
N LEU A 98 -0.83 -32.08 7.00
CA LEU A 98 -1.75 -31.34 6.13
C LEU A 98 -1.58 -31.81 4.70
N PRO A 99 -2.57 -32.45 4.08
CA PRO A 99 -2.39 -32.93 2.70
C PRO A 99 -2.39 -31.78 1.70
N ILE A 100 -1.66 -31.98 0.61
CA ILE A 100 -1.64 -31.06 -0.52
C ILE A 100 -2.44 -31.68 -1.65
N GLN A 101 -3.48 -30.99 -2.10
CA GLN A 101 -4.36 -31.54 -3.12
C GLN A 101 -5.09 -30.40 -3.82
N GLU A 102 -5.66 -30.73 -4.98
CA GLU A 102 -6.28 -29.72 -5.83
C GLU A 102 -7.63 -29.26 -5.29
N ASP A 103 -8.44 -30.18 -4.76
CA ASP A 103 -9.80 -29.87 -4.31
C ASP A 103 -9.91 -30.18 -2.83
N TYR A 104 -10.30 -29.18 -2.05
CA TYR A 104 -10.39 -29.28 -0.59
C TYR A 104 -11.83 -29.32 -0.09
N SER A 105 -12.82 -29.49 -0.97
CA SER A 105 -14.21 -29.44 -0.53
C SER A 105 -14.57 -30.58 0.41
N ASN A 106 -13.76 -31.64 0.46
CA ASN A 106 -14.04 -32.81 1.29
C ASN A 106 -13.11 -32.90 2.49
N TYR A 107 -12.41 -31.83 2.83
CA TYR A 107 -11.38 -31.85 3.86
C TYR A 107 -11.85 -31.12 5.11
N SER A 108 -11.51 -31.68 6.27
CA SER A 108 -11.89 -31.12 7.57
C SER A 108 -10.65 -30.73 8.35
N SER A 109 -10.57 -29.46 8.75
CA SER A 109 -9.42 -28.95 9.48
C SER A 109 -9.64 -29.05 10.99
N ARG A 110 -8.60 -28.71 11.75
CA ARG A 110 -8.70 -28.77 13.20
C ARG A 110 -9.75 -27.81 13.73
N VAL A 111 -9.82 -26.60 13.16
CA VAL A 111 -10.78 -25.60 13.58
C VAL A 111 -11.71 -25.30 12.41
N VAL A 112 -12.93 -24.85 12.74
CA VAL A 112 -13.92 -24.55 11.71
C VAL A 112 -13.95 -23.07 11.34
N ALA A 113 -13.44 -22.19 12.20
CA ALA A 113 -13.38 -20.76 11.88
C ALA A 113 -12.28 -20.13 12.71
N VAL A 114 -11.79 -18.98 12.25
CA VAL A 114 -10.67 -18.29 12.86
C VAL A 114 -11.11 -16.88 13.25
N ILE A 115 -10.87 -16.51 14.50
CA ILE A 115 -11.00 -15.12 14.94
C ILE A 115 -9.67 -14.44 14.69
N GLY A 116 -9.59 -13.71 13.59
CA GLY A 116 -8.31 -13.43 12.96
C GLY A 116 -7.55 -12.32 13.63
N PRO A 117 -6.37 -12.03 13.08
CA PRO A 117 -5.45 -11.08 13.70
C PRO A 117 -6.03 -9.67 13.80
N ASP A 118 -5.20 -8.78 14.37
CA ASP A 118 -5.54 -7.38 14.58
C ASP A 118 -4.99 -6.48 13.48
N ASN A 119 -3.72 -6.63 13.11
CA ASN A 119 -3.10 -5.74 12.15
C ASN A 119 -3.55 -6.09 10.74
N SER A 120 -3.80 -5.06 9.93
CA SER A 120 -4.28 -5.28 8.57
C SER A 120 -3.27 -6.09 7.76
N GLU A 121 -1.98 -5.85 7.95
CA GLU A 121 -0.97 -6.63 7.25
C GLU A 121 -1.06 -8.11 7.61
N SER A 122 -1.20 -8.40 8.90
CA SER A 122 -1.31 -9.79 9.33
C SER A 122 -2.63 -10.40 8.89
N VAL A 123 -3.70 -9.59 8.86
CA VAL A 123 -4.99 -10.09 8.37
C VAL A 123 -4.86 -10.51 6.92
N MET A 124 -4.22 -9.66 6.09
CA MET A 124 -4.01 -10.02 4.69
C MET A 124 -3.13 -11.26 4.56
N THR A 125 -2.08 -11.36 5.38
CA THR A 125 -1.19 -12.50 5.31
C THR A 125 -1.94 -13.80 5.61
N VAL A 126 -2.74 -13.81 6.68
CA VAL A 126 -3.50 -15.00 7.04
C VAL A 126 -4.59 -15.28 6.01
N ALA A 127 -5.20 -14.22 5.47
CA ALA A 127 -6.26 -14.39 4.49
C ALA A 127 -5.75 -15.04 3.22
N ASN A 128 -4.56 -14.63 2.75
CA ASN A 128 -4.03 -15.22 1.53
C ASN A 128 -3.78 -16.72 1.69
N PHE A 129 -3.51 -17.18 2.92
CA PHE A 129 -3.33 -18.61 3.15
C PHE A 129 -4.66 -19.33 3.27
N LEU A 130 -5.56 -18.81 4.11
CA LEU A 130 -6.84 -19.46 4.32
C LEU A 130 -7.74 -19.42 3.08
N SER A 131 -7.50 -18.49 2.15
CA SER A 131 -8.29 -18.42 0.94
C SER A 131 -8.20 -19.72 0.14
N LEU A 132 -7.06 -20.40 0.23
CA LEU A 132 -6.90 -21.68 -0.46
C LEU A 132 -7.95 -22.69 0.00
N PHE A 133 -8.31 -22.64 1.28
CA PHE A 133 -9.26 -23.58 1.86
C PHE A 133 -10.66 -23.01 2.05
N LEU A 134 -10.83 -21.69 1.92
CA LEU A 134 -12.10 -21.03 2.20
C LEU A 134 -12.55 -21.27 3.64
N LEU A 135 -11.59 -21.41 4.53
CA LEU A 135 -11.89 -21.47 5.96
C LEU A 135 -12.25 -20.06 6.42
N PRO A 136 -13.45 -19.84 6.96
CA PRO A 136 -13.88 -18.46 7.25
C PRO A 136 -13.02 -17.81 8.32
N GLN A 137 -12.73 -16.53 8.12
CA GLN A 137 -11.98 -15.71 9.08
C GLN A 137 -12.78 -14.46 9.38
N ILE A 138 -12.97 -14.18 10.66
CA ILE A 138 -13.63 -12.96 11.12
C ILE A 138 -12.61 -12.16 11.93
N THR A 139 -12.51 -10.86 11.63
CA THR A 139 -11.51 -9.98 12.22
C THR A 139 -12.21 -8.80 12.89
N TYR A 140 -11.56 -8.25 13.91
CA TYR A 140 -12.22 -7.34 14.84
C TYR A 140 -11.71 -5.90 14.81
N SER A 141 -10.51 -5.63 14.30
CA SER A 141 -9.99 -4.26 14.37
C SER A 141 -9.26 -3.77 13.12
N ALA A 142 -9.20 -4.54 12.04
CA ALA A 142 -8.48 -4.11 10.84
C ALA A 142 -9.42 -3.28 9.96
N ILE A 143 -9.21 -1.95 9.96
CA ILE A 143 -10.12 -1.05 9.27
C ILE A 143 -9.77 -0.81 7.81
N SER A 144 -8.68 -1.39 7.30
CA SER A 144 -8.23 -1.09 5.94
C SER A 144 -9.34 -1.38 4.93
N ASP A 145 -9.51 -0.46 3.98
CA ASP A 145 -10.54 -0.62 2.95
C ASP A 145 -10.23 -1.74 1.98
N GLU A 146 -8.95 -2.09 1.79
CA GLU A 146 -8.59 -3.10 0.80
C GLU A 146 -9.23 -4.45 1.07
N LEU A 147 -9.62 -4.72 2.33
CA LEU A 147 -10.18 -6.02 2.69
C LEU A 147 -11.57 -6.23 2.11
N ARG A 148 -12.18 -5.20 1.52
CA ARG A 148 -13.52 -5.36 0.95
C ARG A 148 -13.53 -6.14 -0.36
N ASP A 149 -12.36 -6.39 -0.94
CA ASP A 149 -12.26 -7.14 -2.20
C ASP A 149 -12.43 -8.63 -1.90
N LYS A 150 -13.61 -9.16 -2.22
CA LYS A 150 -13.88 -10.58 -1.98
C LYS A 150 -13.47 -11.46 -3.15
N VAL A 151 -13.05 -10.89 -4.28
CA VAL A 151 -12.26 -11.67 -5.24
C VAL A 151 -10.90 -11.98 -4.65
N ARG A 152 -10.32 -11.00 -3.96
CA ARG A 152 -8.98 -11.14 -3.38
C ARG A 152 -9.02 -11.84 -2.03
N PHE A 153 -10.04 -11.57 -1.22
CA PHE A 153 -10.18 -12.15 0.12
C PHE A 153 -11.58 -12.73 0.27
N PRO A 154 -11.82 -13.90 -0.33
CA PRO A 154 -13.20 -14.42 -0.37
C PRO A 154 -13.75 -14.86 0.98
N ALA A 155 -12.89 -15.28 1.91
CA ALA A 155 -13.32 -15.91 3.15
C ALA A 155 -13.25 -14.98 4.37
N LEU A 156 -13.02 -13.69 4.15
CA LEU A 156 -12.72 -12.75 5.22
C LEU A 156 -13.93 -11.87 5.51
N LEU A 157 -14.26 -11.71 6.80
CA LEU A 157 -15.33 -10.84 7.24
C LEU A 157 -14.84 -9.99 8.41
N ARG A 158 -15.59 -8.92 8.70
CA ARG A 158 -15.26 -7.99 9.77
C ARG A 158 -16.47 -7.68 10.62
N THR A 159 -16.24 -7.51 11.92
CA THR A 159 -17.26 -7.01 12.85
C THR A 159 -17.03 -5.55 13.19
N THR A 160 -16.48 -4.76 12.26
CA THR A 160 -16.18 -3.37 12.52
C THR A 160 -16.25 -2.59 11.21
N PRO A 161 -16.60 -1.31 11.24
CA PRO A 161 -16.54 -0.50 10.03
C PRO A 161 -15.12 -0.33 9.52
N SER A 162 -14.99 0.14 8.29
CA SER A 162 -13.72 0.30 7.62
C SER A 162 -13.30 1.77 7.62
N ALA A 163 -12.13 2.04 7.05
CA ALA A 163 -11.62 3.42 6.98
C ALA A 163 -12.58 4.33 6.24
N ASP A 164 -13.34 3.79 5.28
CA ASP A 164 -14.33 4.59 4.57
C ASP A 164 -15.18 5.41 5.53
N HIS A 165 -15.73 4.75 6.55
CA HIS A 165 -16.65 5.41 7.46
C HIS A 165 -15.94 6.33 8.44
N HIS A 166 -14.71 6.00 8.85
CA HIS A 166 -13.95 6.92 9.69
C HIS A 166 -13.69 8.23 8.95
N ILE A 167 -13.28 8.15 7.68
CA ILE A 167 -13.03 9.36 6.91
C ILE A 167 -14.33 10.10 6.65
N GLU A 168 -15.44 9.39 6.44
CA GLU A 168 -16.71 10.06 6.28
C GLU A 168 -17.07 10.84 7.55
N ALA A 169 -16.85 10.24 8.72
CA ALA A 169 -17.11 10.93 9.96
C ALA A 169 -16.24 12.17 10.10
N MET A 170 -14.95 12.04 9.75
CA MET A 170 -14.06 13.21 9.81
C MET A 170 -14.56 14.33 8.91
N VAL A 171 -14.93 14.00 7.68
CA VAL A 171 -15.31 15.01 6.70
C VAL A 171 -16.62 15.68 7.10
N GLN A 172 -17.57 14.90 7.63
CA GLN A 172 -18.82 15.49 8.07
C GLN A 172 -18.66 16.32 9.34
N LEU A 173 -17.70 15.96 10.21
CA LEU A 173 -17.35 16.83 11.32
C LEU A 173 -16.80 18.15 10.80
N MET A 174 -15.95 18.11 9.78
CA MET A 174 -15.44 19.33 9.17
C MET A 174 -16.58 20.16 8.58
N LEU A 175 -17.50 19.52 7.86
CA LEU A 175 -18.59 20.24 7.22
C LEU A 175 -19.51 20.88 8.26
N HIS A 176 -19.82 20.16 9.34
CA HIS A 176 -20.76 20.69 10.32
C HIS A 176 -20.28 22.02 10.89
N PHE A 177 -19.01 22.09 11.28
CA PHE A 177 -18.44 23.32 11.81
C PHE A 177 -17.83 24.19 10.72
N ARG A 178 -18.08 23.89 9.45
CA ARG A 178 -17.78 24.80 8.36
C ARG A 178 -16.28 25.09 8.24
N TRP A 179 -15.46 24.07 8.46
CA TRP A 179 -14.02 24.17 8.26
C TRP A 179 -13.68 23.85 6.80
N ASN A 180 -13.12 24.83 6.09
CA ASN A 180 -12.79 24.69 4.67
C ASN A 180 -11.34 24.34 4.41
N TRP A 181 -10.48 24.37 5.42
CA TRP A 181 -9.04 24.61 5.25
C TRP A 181 -8.31 23.83 6.33
N ILE A 182 -7.67 22.72 5.95
CA ILE A 182 -7.15 21.76 6.91
C ILE A 182 -5.73 21.35 6.55
N ILE A 183 -5.05 20.76 7.52
CA ILE A 183 -3.72 20.19 7.36
C ILE A 183 -3.79 18.70 7.69
N VAL A 184 -3.00 17.91 6.99
CA VAL A 184 -2.96 16.45 7.17
C VAL A 184 -1.52 16.04 7.46
N LEU A 185 -1.32 15.37 8.60
CA LEU A 185 -0.05 14.78 8.94
C LEU A 185 -0.19 13.27 8.93
N VAL A 186 0.75 12.59 8.27
CA VAL A 186 0.68 11.14 8.08
C VAL A 186 1.98 10.50 8.56
N SER A 187 1.86 9.25 8.99
CA SER A 187 3.03 8.42 9.25
C SER A 187 3.62 7.92 7.93
N ASN A 188 4.86 7.44 8.01
CA ASN A 188 5.48 6.80 6.85
C ASN A 188 4.90 5.42 6.55
N ASP A 189 4.08 4.88 7.46
CA ASP A 189 3.54 3.54 7.29
C ASP A 189 2.57 3.47 6.12
N THR A 190 2.17 2.25 5.78
CA THR A 190 1.07 2.06 4.85
C THR A 190 -0.22 2.64 5.41
N TYR A 191 -0.39 2.56 6.72
CA TYR A 191 -1.60 3.09 7.35
C TYR A 191 -1.75 4.59 7.08
N GLY A 192 -0.70 5.36 7.35
CA GLY A 192 -0.79 6.80 7.18
C GLY A 192 -1.04 7.20 5.74
N ARG A 193 -0.30 6.59 4.82
CA ARG A 193 -0.45 6.94 3.41
C ARG A 193 -1.82 6.53 2.89
N ASP A 194 -2.30 5.34 3.27
CA ASP A 194 -3.62 4.91 2.87
C ASP A 194 -4.68 5.91 3.33
N ASN A 195 -4.67 6.26 4.62
CA ASN A 195 -5.71 7.15 5.12
C ASN A 195 -5.55 8.57 4.56
N GLY A 196 -4.32 9.04 4.35
CA GLY A 196 -4.15 10.34 3.74
C GLY A 196 -4.71 10.40 2.35
N GLN A 197 -4.44 9.38 1.54
CA GLN A 197 -4.99 9.33 0.19
C GLN A 197 -6.50 9.26 0.23
N LEU A 198 -7.06 8.45 1.12
CA LEU A 198 -8.51 8.35 1.21
C LEU A 198 -9.15 9.68 1.60
N LEU A 199 -8.57 10.38 2.58
CA LEU A 199 -9.08 11.69 2.95
C LEU A 199 -8.97 12.68 1.80
N GLY A 200 -7.84 12.65 1.09
CA GLY A 200 -7.70 13.51 -0.08
C GLY A 200 -8.76 13.26 -1.13
N GLU A 201 -9.11 12.00 -1.34
CA GLU A 201 -10.20 11.68 -2.26
C GLU A 201 -11.52 12.23 -1.75
N ARG A 202 -11.81 12.03 -0.46
CA ARG A 202 -13.14 12.37 0.06
C ARG A 202 -13.36 13.88 0.10
N VAL A 203 -12.35 14.65 0.51
CA VAL A 203 -12.55 16.09 0.70
C VAL A 203 -12.87 16.77 -0.63
N ALA A 204 -12.22 16.36 -1.71
CA ALA A 204 -12.39 17.05 -2.98
C ALA A 204 -13.85 17.04 -3.44
N ARG A 205 -14.58 15.98 -3.13
CA ARG A 205 -15.98 15.89 -3.52
C ARG A 205 -16.89 16.76 -2.66
N ARG A 206 -16.42 17.19 -1.48
CA ARG A 206 -17.28 17.86 -0.51
C ARG A 206 -16.95 19.35 -0.32
N GLY A 207 -15.92 19.86 -0.99
CA GLY A 207 -15.62 21.27 -0.90
C GLY A 207 -14.64 21.65 0.19
N ILE A 208 -13.76 20.75 0.61
CA ILE A 208 -12.75 21.03 1.62
C ILE A 208 -11.38 20.93 0.96
N CYS A 209 -10.51 21.89 1.29
CA CYS A 209 -9.18 21.99 0.69
C CYS A 209 -8.13 21.65 1.74
N ILE A 210 -7.22 20.75 1.39
CA ILE A 210 -6.09 20.42 2.25
C ILE A 210 -4.98 21.42 1.97
N ALA A 211 -4.58 22.17 3.00
CA ALA A 211 -3.52 23.17 2.80
C ALA A 211 -2.21 22.50 2.40
N PHE A 212 -1.77 21.52 3.19
CA PHE A 212 -0.61 20.72 2.81
C PHE A 212 -0.64 19.41 3.57
N GLN A 213 -0.02 18.40 2.96
CA GLN A 213 0.16 17.09 3.58
C GLN A 213 1.64 16.86 3.83
N GLU A 214 1.97 16.33 5.01
CA GLU A 214 3.34 16.20 5.45
C GLU A 214 3.52 14.91 6.22
N THR A 215 4.71 14.33 6.12
CA THR A 215 5.00 13.00 6.62
C THR A 215 5.86 13.08 7.87
N LEU A 216 5.43 12.42 8.95
CA LEU A 216 6.17 12.39 10.20
C LEU A 216 7.25 11.31 10.16
N PRO A 217 8.38 11.53 10.82
CA PRO A 217 9.40 10.48 10.90
C PRO A 217 8.98 9.34 11.83
N THR A 218 9.58 8.17 11.59
CA THR A 218 9.25 6.95 12.34
C THR A 218 10.08 6.85 13.62
N LEU A 219 9.77 7.74 14.56
CA LEU A 219 10.46 7.76 15.84
C LEU A 219 9.79 6.82 16.84
N GLN A 220 10.54 6.49 17.89
CA GLN A 220 10.03 5.70 19.00
C GLN A 220 10.23 6.48 20.30
N PRO A 221 9.32 6.35 21.26
CA PRO A 221 9.25 7.35 22.34
C PRO A 221 10.38 7.26 23.35
N ASN A 222 10.82 6.06 23.71
CA ASN A 222 11.85 5.94 24.74
C ASN A 222 13.26 6.14 24.18
N GLN A 223 13.46 5.89 22.88
CA GLN A 223 14.79 5.90 22.31
C GLN A 223 15.24 7.33 21.99
N ASN A 224 16.55 7.47 21.83
CA ASN A 224 17.14 8.76 21.50
C ASN A 224 16.84 9.15 20.06
N MET A 225 16.85 10.45 19.81
CA MET A 225 16.52 11.02 18.51
C MET A 225 17.76 11.67 17.90
N THR A 226 17.99 11.40 16.62
CA THR A 226 19.13 11.97 15.91
C THR A 226 18.85 13.43 15.56
N SER A 227 19.93 14.16 15.27
CA SER A 227 19.81 15.59 14.99
C SER A 227 18.95 15.86 13.76
N GLU A 228 19.14 15.08 12.70
CA GLU A 228 18.37 15.31 11.48
C GLU A 228 16.88 15.05 11.69
N GLU A 229 16.54 14.05 12.50
CA GLU A 229 15.13 13.81 12.83
C GLU A 229 14.55 14.96 13.65
N ARG A 230 15.33 15.47 14.60
CA ARG A 230 14.90 16.65 15.35
C ARG A 230 14.63 17.82 14.42
N GLN A 231 15.53 18.05 13.46
CA GLN A 231 15.34 19.13 12.50
C GLN A 231 14.13 18.89 11.61
N ARG A 232 13.86 17.63 11.27
CA ARG A 232 12.67 17.31 10.49
C ARG A 232 11.41 17.68 11.24
N LEU A 233 11.34 17.32 12.53
CA LEU A 233 10.20 17.73 13.36
C LEU A 233 10.11 19.24 13.43
N VAL A 234 11.24 19.92 13.61
CA VAL A 234 11.26 21.38 13.64
C VAL A 234 10.67 21.96 12.36
N THR A 235 11.04 21.40 11.21
CA THR A 235 10.54 21.89 9.94
C THR A 235 9.04 21.69 9.83
N ILE A 236 8.54 20.52 10.24
CA ILE A 236 7.10 20.27 10.16
C ILE A 236 6.34 21.26 11.04
N VAL A 237 6.83 21.49 12.26
CA VAL A 237 6.14 22.43 13.14
C VAL A 237 6.24 23.86 12.60
N ASP A 238 7.35 24.20 11.94
CA ASP A 238 7.43 25.49 11.27
C ASP A 238 6.34 25.63 10.21
N LYS A 239 6.13 24.58 9.42
CA LYS A 239 5.08 24.62 8.42
C LYS A 239 3.71 24.77 9.06
N LEU A 240 3.49 24.09 10.20
CA LEU A 240 2.25 24.28 10.93
C LEU A 240 2.08 25.74 11.37
N GLN A 241 3.13 26.32 11.94
CA GLN A 241 3.03 27.67 12.48
C GLN A 241 2.79 28.70 11.39
N GLN A 242 3.43 28.54 10.23
CA GLN A 242 3.31 29.54 9.18
C GLN A 242 1.92 29.54 8.55
N SER A 243 1.26 28.39 8.50
CA SER A 243 0.01 28.28 7.77
C SER A 243 -1.13 28.97 8.49
N THR A 244 -2.13 29.40 7.73
CA THR A 244 -3.36 29.94 8.28
C THR A 244 -4.36 28.87 8.68
N ALA A 245 -4.17 27.63 8.23
CA ALA A 245 -5.05 26.53 8.59
C ALA A 245 -4.83 26.14 10.05
N ARG A 246 -5.93 25.83 10.75
CA ARG A 246 -5.87 25.50 12.17
C ARG A 246 -6.69 24.26 12.51
N VAL A 247 -6.98 23.41 11.53
CA VAL A 247 -7.55 22.10 11.76
C VAL A 247 -6.56 21.08 11.21
N VAL A 248 -6.08 20.19 12.08
CA VAL A 248 -4.99 19.28 11.75
C VAL A 248 -5.49 17.85 11.96
N VAL A 249 -5.36 17.04 10.92
CA VAL A 249 -5.70 15.62 10.97
C VAL A 249 -4.41 14.82 10.98
N VAL A 250 -4.29 13.88 11.92
CA VAL A 250 -3.07 13.11 12.12
C VAL A 250 -3.39 11.63 11.97
N PHE A 251 -2.81 11.00 10.96
CA PHE A 251 -2.89 9.55 10.75
C PHE A 251 -1.55 8.93 11.14
N SER A 252 -1.39 8.63 12.42
CA SER A 252 -0.16 8.00 12.88
C SER A 252 -0.40 7.11 14.09
N PRO A 253 0.37 6.02 14.22
CA PRO A 253 0.32 5.23 15.46
C PRO A 253 0.70 6.07 16.66
N ASP A 254 0.09 5.76 17.81
CA ASP A 254 0.23 6.61 18.99
C ASP A 254 1.67 6.74 19.45
N LEU A 255 2.43 5.64 19.46
CA LEU A 255 3.78 5.67 20.03
C LEU A 255 4.65 6.72 19.36
N THR A 256 4.38 7.06 18.10
CA THR A 256 5.24 7.97 17.37
C THR A 256 5.04 9.43 17.78
N LEU A 257 3.88 9.78 18.32
CA LEU A 257 3.49 11.18 18.48
C LEU A 257 4.03 11.84 19.73
N TYR A 258 4.65 11.08 20.64
CA TYR A 258 5.20 11.67 21.85
C TYR A 258 6.25 12.73 21.50
N HIS A 259 7.20 12.39 20.63
CA HIS A 259 8.22 13.35 20.23
C HIS A 259 7.61 14.53 19.47
N PHE A 260 6.66 14.25 18.58
CA PHE A 260 6.06 15.31 17.78
C PHE A 260 5.37 16.34 18.67
N PHE A 261 4.59 15.86 19.64
CA PHE A 261 3.89 16.80 20.52
C PHE A 261 4.84 17.47 21.50
N ASN A 262 5.92 16.80 21.91
CA ASN A 262 6.94 17.49 22.69
C ASN A 262 7.54 18.64 21.92
N GLU A 263 7.83 18.43 20.63
CA GLU A 263 8.36 19.52 19.81
C GLU A 263 7.32 20.63 19.64
N VAL A 264 6.06 20.26 19.41
CA VAL A 264 5.01 21.27 19.26
C VAL A 264 4.92 22.12 20.53
N LEU A 265 4.98 21.47 21.70
CA LEU A 265 4.98 22.20 22.96
C LEU A 265 6.19 23.10 23.07
N ARG A 266 7.36 22.62 22.66
CA ARG A 266 8.58 23.40 22.81
C ARG A 266 8.50 24.70 22.04
N GLN A 267 7.91 24.67 20.84
CA GLN A 267 7.75 25.87 20.03
C GLN A 267 6.60 26.74 20.48
N ASN A 268 5.93 26.41 21.58
CA ASN A 268 4.86 27.23 22.13
C ASN A 268 3.70 27.38 21.16
N PHE A 269 3.49 26.36 20.32
CA PHE A 269 2.37 26.35 19.41
C PHE A 269 1.06 26.13 20.17
N THR A 270 0.01 26.80 19.74
CA THR A 270 -1.28 26.67 20.40
C THR A 270 -2.39 27.12 19.45
N GLY A 271 -3.61 26.72 19.78
CA GLY A 271 -4.79 27.25 19.12
C GLY A 271 -5.33 26.46 17.95
N ALA A 272 -5.03 25.17 17.87
CA ALA A 272 -5.51 24.33 16.78
C ALA A 272 -6.57 23.36 17.26
N VAL A 273 -7.31 22.79 16.30
CA VAL A 273 -8.18 21.66 16.53
C VAL A 273 -7.48 20.42 15.98
N TRP A 274 -7.25 19.44 16.84
CA TRP A 274 -6.58 18.20 16.45
C TRP A 274 -7.62 17.11 16.28
N ILE A 275 -7.61 16.48 15.11
CA ILE A 275 -8.53 15.40 14.78
C ILE A 275 -7.73 14.11 14.76
N ALA A 276 -8.07 13.18 15.64
CA ALA A 276 -7.32 11.95 15.86
C ALA A 276 -8.02 10.78 15.18
N SER A 277 -7.25 9.96 14.48
CA SER A 277 -7.77 8.71 13.96
C SER A 277 -7.81 7.66 15.07
N GLU A 278 -8.52 6.56 14.79
CA GLU A 278 -8.77 5.54 15.81
C GLU A 278 -7.48 4.96 16.37
N SER A 279 -6.37 5.03 15.65
CA SER A 279 -5.13 4.43 16.15
C SER A 279 -4.51 5.19 17.32
N TRP A 280 -4.90 6.46 17.53
CA TRP A 280 -4.43 7.20 18.70
C TRP A 280 -5.53 8.00 19.37
N ALA A 281 -6.79 7.90 18.93
CA ALA A 281 -7.85 8.75 19.46
C ALA A 281 -8.08 8.56 20.96
N ILE A 282 -7.74 7.39 21.51
CA ILE A 282 -8.08 7.08 22.90
C ILE A 282 -6.87 6.62 23.70
N ASP A 283 -5.68 7.03 23.29
CA ASP A 283 -4.45 6.59 23.95
C ASP A 283 -4.30 7.27 25.31
N PRO A 284 -4.24 6.51 26.42
CA PRO A 284 -3.95 7.15 27.71
C PRO A 284 -2.57 7.77 27.80
N VAL A 285 -1.57 7.17 27.13
CA VAL A 285 -0.19 7.64 27.30
C VAL A 285 -0.05 9.06 26.77
N LEU A 286 -0.60 9.34 25.58
CA LEU A 286 -0.62 10.71 25.08
C LEU A 286 -1.49 11.59 25.97
N HIS A 287 -2.64 11.07 26.41
CA HIS A 287 -3.59 11.87 27.18
C HIS A 287 -2.98 12.36 28.48
N ASN A 288 -2.22 11.51 29.16
CA ASN A 288 -1.69 11.85 30.48
C ASN A 288 -0.60 12.90 30.43
N LEU A 289 -0.12 13.25 29.25
CA LEU A 289 0.84 14.36 29.10
C LEU A 289 0.10 15.65 29.46
N THR A 290 0.39 16.17 30.66
CA THR A 290 -0.45 17.20 31.26
C THR A 290 -0.56 18.45 30.39
N GLU A 291 0.46 18.75 29.59
CA GLU A 291 0.49 20.02 28.88
C GLU A 291 -0.29 20.02 27.56
N LEU A 292 -0.77 18.87 27.11
CA LEU A 292 -1.54 18.85 25.86
C LEU A 292 -2.78 19.74 25.95
N ARG A 293 -3.34 19.92 27.15
CA ARG A 293 -4.55 20.71 27.29
C ARG A 293 -4.37 22.15 26.86
N HIS A 294 -3.12 22.60 26.64
CA HIS A 294 -2.85 23.96 26.21
C HIS A 294 -2.63 24.10 24.71
N LEU A 295 -2.51 22.98 23.98
CA LEU A 295 -2.29 23.05 22.54
C LEU A 295 -3.57 23.33 21.75
N GLY A 296 -4.74 23.17 22.37
CA GLY A 296 -5.99 23.39 21.66
C GLY A 296 -7.04 22.34 21.98
N THR A 297 -7.89 22.03 21.00
CA THR A 297 -8.97 21.07 21.17
C THR A 297 -8.59 19.75 20.49
N PHE A 298 -8.77 18.65 21.22
CA PHE A 298 -8.48 17.31 20.70
C PHE A 298 -9.79 16.58 20.52
N LEU A 299 -10.11 16.22 19.27
CA LEU A 299 -11.26 15.42 18.95
C LEU A 299 -10.80 14.12 18.28
N GLY A 300 -11.42 13.02 18.67
CA GLY A 300 -11.03 11.71 18.17
C GLY A 300 -12.21 10.92 17.70
N ILE A 301 -12.04 10.22 16.58
CA ILE A 301 -13.10 9.42 15.97
C ILE A 301 -12.78 7.95 16.20
N THR A 302 -13.73 7.24 16.78
CA THR A 302 -13.49 5.90 17.28
C THR A 302 -14.79 5.11 17.25
N ILE A 303 -14.65 3.78 17.31
CA ILE A 303 -15.82 2.92 17.41
C ILE A 303 -16.47 3.09 18.77
N GLN A 304 -17.79 3.01 18.81
CA GLN A 304 -18.55 3.30 20.01
C GLN A 304 -18.56 2.09 20.94
N SER A 305 -18.50 2.36 22.25
CA SER A 305 -18.43 1.30 23.25
C SER A 305 -19.80 0.64 23.44
N VAL A 306 -19.78 -0.67 23.66
CA VAL A 306 -20.96 -1.45 23.99
C VAL A 306 -20.64 -2.29 25.23
N PRO A 307 -21.32 -2.12 26.35
CA PRO A 307 -20.93 -2.85 27.59
C PRO A 307 -21.46 -4.27 27.58
N ILE A 308 -20.55 -5.23 27.78
CA ILE A 308 -20.91 -6.63 27.94
C ILE A 308 -21.37 -6.83 29.39
N PRO A 309 -22.58 -7.36 29.63
CA PRO A 309 -23.09 -7.43 31.01
C PRO A 309 -22.21 -8.18 31.98
N GLY A 310 -22.00 -9.47 31.76
CA GLY A 310 -21.35 -10.35 32.71
C GLY A 310 -19.85 -10.41 32.62
N PHE A 311 -19.23 -9.57 31.79
CA PHE A 311 -17.83 -9.76 31.43
C PHE A 311 -16.89 -9.39 32.56
N SER A 312 -17.23 -8.37 33.35
CA SER A 312 -16.28 -7.86 34.35
C SER A 312 -15.97 -8.90 35.42
N GLU A 313 -16.99 -9.58 35.95
CA GLU A 313 -16.75 -10.57 36.99
C GLU A 313 -16.17 -11.87 36.43
N PHE A 314 -16.24 -12.08 35.12
CA PHE A 314 -15.53 -13.18 34.50
C PHE A 314 -14.05 -12.84 34.34
N ARG A 315 -13.75 -11.59 33.96
CA ARG A 315 -12.38 -11.18 33.73
C ARG A 315 -11.61 -11.09 35.04
N GLU A 316 -12.25 -10.58 36.08
CA GLU A 316 -11.57 -10.33 37.36
C GLU A 316 -12.32 -10.98 38.51
N THR A 334 2.42 -26.63 20.51
CA THR A 334 3.65 -26.85 21.27
C THR A 334 4.35 -25.53 21.59
N CYS A 335 3.81 -24.43 21.07
CA CYS A 335 4.41 -23.12 21.29
C CYS A 335 3.32 -22.06 21.21
N ASN A 336 3.60 -20.91 21.83
CA ASN A 336 2.72 -19.74 21.77
C ASN A 336 1.34 -20.03 22.34
N GLN A 337 1.26 -20.95 23.30
CA GLN A 337 0.01 -21.23 24.00
C GLN A 337 0.21 -21.28 25.52
N GLU A 338 1.29 -20.68 26.02
CA GLU A 338 1.54 -20.64 27.46
C GLU A 338 2.24 -19.31 27.77
N CYS A 339 1.45 -18.32 28.18
CA CYS A 339 1.96 -17.01 28.59
C CYS A 339 1.32 -16.64 29.93
N ASP A 340 1.99 -17.03 31.02
CA ASP A 340 1.46 -16.81 32.37
C ASP A 340 1.57 -15.34 32.80
N ASN A 341 2.47 -14.56 32.20
CA ASN A 341 2.76 -13.22 32.70
C ASN A 341 1.59 -12.25 32.55
N CYS A 342 0.55 -12.60 31.78
CA CYS A 342 -0.48 -11.63 31.46
C CYS A 342 -1.30 -11.23 32.69
N LEU A 343 -1.48 -12.13 33.65
CA LEU A 343 -2.39 -11.85 34.76
C LEU A 343 -1.86 -10.70 35.63
N ASN A 344 -0.63 -10.83 36.13
CA ASN A 344 -0.08 -9.79 36.99
C ASN A 344 0.22 -8.51 36.22
N ALA A 345 0.38 -8.60 34.89
CA ALA A 345 0.43 -7.39 34.08
C ALA A 345 -0.93 -6.70 34.01
N THR A 346 -2.01 -7.49 34.00
CA THR A 346 -3.35 -6.92 33.94
C THR A 346 -3.75 -6.30 35.27
N LEU A 347 -3.45 -6.96 36.38
CA LEU A 347 -3.82 -6.46 37.70
C LEU A 347 -3.03 -5.20 38.04
N GLY A 357 -9.49 -2.24 26.56
CA GLY A 357 -10.03 -2.79 25.32
C GLY A 357 -11.55 -2.75 25.26
N GLU A 358 -12.14 -1.89 26.09
CA GLU A 358 -13.60 -1.87 26.21
C GLU A 358 -14.29 -1.56 24.88
N ARG A 359 -13.68 -0.72 24.04
CA ARG A 359 -14.32 -0.32 22.80
C ARG A 359 -14.18 -1.38 21.70
N VAL A 360 -13.19 -2.25 21.79
CA VAL A 360 -13.01 -3.31 20.80
C VAL A 360 -13.61 -4.64 21.24
N VAL A 361 -13.93 -4.80 22.52
CA VAL A 361 -14.35 -6.11 23.05
C VAL A 361 -15.59 -6.62 22.33
N TYR A 362 -16.52 -5.72 22.04
CA TYR A 362 -17.79 -6.14 21.44
C TYR A 362 -17.58 -6.75 20.07
N SER A 363 -16.57 -6.32 19.32
CA SER A 363 -16.32 -6.92 18.02
C SER A 363 -15.95 -8.39 18.15
N VAL A 364 -15.13 -8.74 19.14
CA VAL A 364 -14.73 -10.12 19.35
C VAL A 364 -15.91 -10.94 19.85
N TYR A 365 -16.67 -10.36 20.79
CA TYR A 365 -17.86 -11.02 21.30
C TYR A 365 -18.83 -11.36 20.18
N SER A 366 -19.14 -10.37 19.34
CA SER A 366 -20.07 -10.57 18.25
C SER A 366 -19.49 -11.48 17.16
N ALA A 367 -18.18 -11.50 16.99
CA ALA A 367 -17.59 -12.45 16.05
C ALA A 367 -17.82 -13.89 16.50
N VAL A 368 -17.57 -14.17 17.78
CA VAL A 368 -17.83 -15.51 18.29
C VAL A 368 -19.30 -15.85 18.15
N TYR A 369 -20.19 -14.90 18.47
CA TYR A 369 -21.61 -15.18 18.36
C TYR A 369 -22.04 -15.39 16.91
N ALA A 370 -21.43 -14.66 15.97
CA ALA A 370 -21.72 -14.88 14.56
C ALA A 370 -21.35 -16.28 14.14
N VAL A 371 -20.16 -16.76 14.53
CA VAL A 371 -19.79 -18.13 14.19
C VAL A 371 -20.75 -19.12 14.83
N ALA A 372 -21.14 -18.86 16.09
CA ALA A 372 -22.04 -19.77 16.78
C ALA A 372 -23.39 -19.86 16.08
N HIS A 373 -23.96 -18.73 15.67
CA HIS A 373 -25.24 -18.75 14.97
C HIS A 373 -25.10 -19.41 13.60
N ALA A 374 -23.99 -19.16 12.90
CA ALA A 374 -23.80 -19.80 11.61
C ALA A 374 -23.73 -21.31 11.76
N LEU A 375 -23.02 -21.79 12.78
CA LEU A 375 -22.97 -23.22 13.04
C LEU A 375 -24.35 -23.76 13.44
N HIS A 376 -25.08 -23.02 14.26
CA HIS A 376 -26.43 -23.43 14.67
C HIS A 376 -27.32 -23.61 13.45
N SER A 377 -27.21 -22.71 12.48
CA SER A 377 -27.95 -22.87 11.23
C SER A 377 -27.44 -24.07 10.43
N LEU A 378 -26.11 -24.19 10.30
CA LEU A 378 -25.52 -25.19 9.42
C LEU A 378 -25.88 -26.60 9.85
N LEU A 379 -25.85 -26.86 11.16
CA LEU A 379 -26.20 -28.19 11.66
C LEU A 379 -27.69 -28.49 11.56
N GLY A 380 -28.51 -27.57 11.04
CA GLY A 380 -29.93 -27.79 11.03
C GLY A 380 -30.53 -27.90 12.41
N CYS A 381 -29.95 -27.20 13.38
CA CYS A 381 -30.26 -27.43 14.78
C CYS A 381 -31.50 -26.64 15.20
N ASP A 382 -32.09 -27.10 16.30
CA ASP A 382 -33.24 -26.44 16.91
C ASP A 382 -33.19 -26.74 18.40
N LYS A 383 -33.99 -26.01 19.16
CA LYS A 383 -33.93 -26.09 20.62
C LYS A 383 -33.98 -27.54 21.08
N SER A 384 -32.97 -27.94 21.85
CA SER A 384 -32.90 -29.25 22.47
C SER A 384 -32.86 -30.42 21.48
N THR A 385 -32.59 -30.14 20.21
CA THR A 385 -32.68 -31.17 19.17
C THR A 385 -31.56 -31.04 18.15
N CYS A 386 -30.32 -30.88 18.62
CA CYS A 386 -29.18 -30.77 17.72
C CYS A 386 -28.77 -32.14 17.18
N THR A 387 -28.11 -32.12 16.03
CA THR A 387 -27.46 -33.30 15.45
C THR A 387 -26.03 -32.92 15.08
N LYS A 388 -25.08 -33.76 15.51
CA LYS A 388 -23.66 -33.45 15.37
C LYS A 388 -23.12 -33.92 14.01
N ARG A 389 -23.58 -33.24 12.96
CA ARG A 389 -23.14 -33.54 11.61
C ARG A 389 -21.72 -33.02 11.36
N VAL A 390 -21.01 -33.72 10.48
CA VAL A 390 -19.64 -33.33 10.12
C VAL A 390 -19.70 -32.15 9.14
N VAL A 391 -19.01 -31.07 9.48
CA VAL A 391 -19.06 -29.82 8.73
C VAL A 391 -17.70 -29.55 8.10
N TYR A 392 -17.73 -29.08 6.85
CA TYR A 392 -16.53 -28.61 6.16
C TYR A 392 -16.53 -27.09 6.10
N PRO A 393 -15.41 -26.42 6.43
CA PRO A 393 -15.48 -24.96 6.65
C PRO A 393 -16.10 -24.15 5.52
N TRP A 394 -15.93 -24.56 4.26
CA TRP A 394 -16.44 -23.74 3.16
C TRP A 394 -17.96 -23.62 3.20
N GLN A 395 -18.65 -24.58 3.82
CA GLN A 395 -20.08 -24.45 4.02
C GLN A 395 -20.41 -23.51 5.19
N LEU A 396 -19.58 -23.54 6.23
CA LEU A 396 -19.79 -22.63 7.34
C LEU A 396 -19.58 -21.18 6.92
N LEU A 397 -18.66 -20.94 5.98
CA LEU A 397 -18.52 -19.62 5.40
C LEU A 397 -19.81 -19.18 4.72
N GLU A 398 -20.39 -20.06 3.91
CA GLU A 398 -21.64 -19.75 3.22
C GLU A 398 -22.74 -19.43 4.21
N GLU A 399 -22.77 -20.12 5.35
CA GLU A 399 -23.77 -19.81 6.36
C GLU A 399 -23.44 -18.52 7.14
N ILE A 400 -22.16 -18.24 7.35
CA ILE A 400 -21.77 -17.03 8.07
C ILE A 400 -22.19 -15.80 7.28
N TRP A 401 -22.14 -15.88 5.96
CA TRP A 401 -22.63 -14.75 5.16
C TRP A 401 -24.12 -14.50 5.39
N LYS A 402 -24.83 -15.46 6.00
CA LYS A 402 -26.28 -15.49 6.01
C LYS A 402 -26.91 -15.08 7.34
N VAL A 403 -26.13 -14.89 8.40
CA VAL A 403 -26.68 -14.65 9.72
C VAL A 403 -27.28 -13.25 9.80
N ASN A 404 -28.33 -13.10 10.61
CA ASN A 404 -28.92 -11.79 10.89
C ASN A 404 -29.68 -11.93 12.21
N PHE A 405 -29.10 -11.41 13.30
CA PHE A 405 -29.69 -11.60 14.62
C PHE A 405 -29.31 -10.44 15.52
N THR A 406 -30.08 -10.29 16.60
CA THR A 406 -29.86 -9.25 17.59
C THR A 406 -28.98 -9.79 18.71
N LEU A 407 -27.85 -9.12 18.96
CA LEU A 407 -26.95 -9.46 20.05
C LEU A 407 -26.74 -8.24 20.92
N LEU A 408 -27.10 -8.36 22.20
CA LEU A 408 -26.88 -7.30 23.17
C LEU A 408 -27.50 -5.98 22.69
N ASP A 409 -28.73 -6.08 22.19
CA ASP A 409 -29.54 -4.94 21.78
C ASP A 409 -28.97 -4.21 20.56
N HIS A 410 -28.17 -4.89 19.75
CA HIS A 410 -27.76 -4.38 18.45
C HIS A 410 -27.90 -5.47 17.40
N GLN A 411 -28.29 -5.07 16.20
CA GLN A 411 -28.52 -6.01 15.10
C GLN A 411 -27.24 -6.13 14.28
N ILE A 412 -26.69 -7.35 14.23
CA ILE A 412 -25.42 -7.61 13.57
C ILE A 412 -25.67 -8.53 12.38
N PHE A 413 -25.30 -8.06 11.20
CA PHE A 413 -25.33 -8.83 9.97
C PHE A 413 -24.28 -8.24 9.05
N PHE A 414 -23.89 -8.99 8.04
CA PHE A 414 -22.74 -8.64 7.22
C PHE A 414 -23.20 -7.99 5.91
N ASP A 415 -22.68 -6.80 5.64
CA ASP A 415 -22.87 -6.17 4.34
C ASP A 415 -22.17 -7.02 3.27
N PRO A 416 -22.67 -7.00 2.03
CA PRO A 416 -22.08 -7.85 1.00
C PRO A 416 -20.57 -7.69 0.87
N GLN A 417 -20.04 -6.54 1.28
CA GLN A 417 -18.60 -6.32 1.28
C GLN A 417 -17.94 -6.82 2.57
N GLY A 418 -18.71 -7.40 3.50
CA GLY A 418 -18.17 -8.14 4.61
C GLY A 418 -18.11 -7.43 5.95
N ASP A 419 -18.66 -6.22 6.06
CA ASP A 419 -18.55 -5.42 7.27
C ASP A 419 -19.88 -5.39 8.03
N VAL A 420 -19.79 -5.49 9.36
CA VAL A 420 -20.93 -5.26 10.24
C VAL A 420 -21.05 -3.77 10.51
N ALA A 421 -22.27 -3.26 10.50
CA ALA A 421 -22.54 -1.82 10.68
C ALA A 421 -22.65 -1.50 12.17
N LEU A 422 -21.50 -1.33 12.80
CA LEU A 422 -21.44 -0.84 14.17
C LEU A 422 -21.27 0.67 14.20
N HIS A 423 -21.81 1.30 15.24
CA HIS A 423 -21.76 2.75 15.36
C HIS A 423 -20.34 3.23 15.67
N LEU A 424 -19.96 4.36 15.07
CA LEU A 424 -18.78 5.09 15.49
C LEU A 424 -19.20 6.26 16.38
N GLU A 425 -18.20 6.89 17.01
CA GLU A 425 -18.45 8.06 17.84
C GLU A 425 -17.27 9.02 17.75
N ILE A 426 -17.53 10.27 18.08
CA ILE A 426 -16.49 11.30 18.20
C ILE A 426 -16.37 11.67 19.67
N VAL A 427 -15.16 11.65 20.18
CA VAL A 427 -14.88 11.92 21.59
C VAL A 427 -13.99 13.15 21.69
N GLN A 428 -14.26 13.98 22.67
CA GLN A 428 -13.35 15.07 23.04
C GLN A 428 -12.55 14.68 24.27
N TRP A 429 -11.26 14.97 24.25
CA TRP A 429 -10.40 14.70 25.40
C TRP A 429 -10.70 15.71 26.50
N GLN A 430 -10.87 15.21 27.72
CA GLN A 430 -11.09 16.04 28.89
C GLN A 430 -10.05 15.71 29.94
N TRP A 431 -9.61 16.72 30.68
CA TRP A 431 -8.58 16.55 31.71
C TRP A 431 -9.10 16.79 33.12
N ASP A 432 -10.40 17.00 33.30
CA ASP A 432 -10.99 17.01 34.63
C ASP A 432 -11.16 15.56 35.07
N ARG A 433 -10.32 15.11 36.01
CA ARG A 433 -10.33 13.72 36.40
C ARG A 433 -11.58 13.32 37.18
N SER A 434 -12.51 14.24 37.42
CA SER A 434 -13.79 13.87 38.02
C SER A 434 -14.65 13.05 37.06
N GLN A 435 -14.34 13.08 35.77
CA GLN A 435 -15.12 12.36 34.76
C GLN A 435 -14.18 11.64 33.80
N ASN A 436 -14.77 10.90 32.88
CA ASN A 436 -14.01 10.03 32.00
C ASN A 436 -13.04 10.84 31.13
N PRO A 437 -11.85 10.32 30.85
CA PRO A 437 -10.90 11.07 30.00
C PRO A 437 -11.46 11.45 28.64
N PHE A 438 -12.22 10.58 27.99
CA PHE A 438 -12.71 10.79 26.64
C PHE A 438 -14.23 10.87 26.67
N GLN A 439 -14.77 12.00 26.28
CA GLN A 439 -16.20 12.30 26.39
C GLN A 439 -16.82 12.29 25.00
N SER A 440 -17.88 11.49 24.83
CA SER A 440 -18.55 11.39 23.55
C SER A 440 -19.27 12.71 23.23
N VAL A 441 -19.02 13.24 22.04
CA VAL A 441 -19.66 14.47 21.59
C VAL A 441 -20.49 14.29 20.33
N ALA A 442 -20.35 13.17 19.63
CA ALA A 442 -21.19 12.90 18.46
C ALA A 442 -21.18 11.42 18.18
N SER A 443 -22.19 10.96 17.44
CA SER A 443 -22.34 9.57 17.06
C SER A 443 -22.62 9.49 15.57
N TYR A 444 -22.03 8.48 14.91
CA TYR A 444 -22.08 8.34 13.47
C TYR A 444 -22.73 7.01 13.12
N TYR A 445 -23.62 7.02 12.14
CA TYR A 445 -24.34 5.83 11.71
C TYR A 445 -23.93 5.44 10.30
N PRO A 446 -23.28 4.28 10.10
CA PRO A 446 -22.78 3.95 8.76
C PRO A 446 -23.88 3.57 7.78
N LEU A 447 -24.97 2.96 8.23
CA LEU A 447 -26.05 2.63 7.31
C LEU A 447 -26.77 3.88 6.83
N GLN A 448 -27.07 4.80 7.75
CA GLN A 448 -27.54 6.12 7.37
C GLN A 448 -26.40 7.01 6.89
N ARG A 449 -25.15 6.60 7.14
CA ARG A 449 -23.97 7.28 6.63
C ARG A 449 -24.00 8.78 6.93
N GLN A 450 -24.32 9.13 8.18
CA GLN A 450 -24.32 10.54 8.56
C GLN A 450 -24.01 10.66 10.05
N LEU A 451 -23.47 11.82 10.41
CA LEU A 451 -23.10 12.13 11.78
C LEU A 451 -24.28 12.78 12.49
N LYS A 452 -24.58 12.31 13.71
CA LYS A 452 -25.81 12.71 14.40
C LYS A 452 -25.54 12.86 15.89
N ASN A 453 -26.51 13.49 16.56
CA ASN A 453 -26.51 13.67 18.02
C ASN A 453 -25.26 14.42 18.49
N ILE A 454 -24.93 15.50 17.78
CA ILE A 454 -23.80 16.33 18.16
C ILE A 454 -24.13 17.11 19.42
N GLN A 455 -23.19 17.16 20.35
CA GLN A 455 -23.37 17.82 21.63
C GLN A 455 -22.37 18.98 21.77
N ASP A 456 -22.35 19.56 22.97
CA ASP A 456 -21.58 20.77 23.25
C ASP A 456 -20.10 20.44 23.40
N ILE A 457 -19.33 20.65 22.34
CA ILE A 457 -17.88 20.68 22.48
C ILE A 457 -17.48 21.97 23.17
N SER A 458 -16.55 21.87 24.12
CA SER A 458 -16.01 23.02 24.83
C SER A 458 -14.69 23.38 24.18
N TRP A 459 -14.63 24.56 23.55
CA TRP A 459 -13.52 24.93 22.71
C TRP A 459 -12.46 25.71 23.49
N HIS A 460 -11.30 25.88 22.85
CA HIS A 460 -10.19 26.63 23.40
C HIS A 460 -10.32 28.13 23.21
N THR A 461 -11.38 28.59 22.55
CA THR A 461 -11.49 30.00 22.20
C THR A 461 -11.84 30.85 23.42
N ILE A 462 -11.68 32.16 23.26
CA ILE A 462 -11.82 33.08 24.39
C ILE A 462 -13.23 33.09 24.96
N ASN A 463 -14.25 32.76 24.17
CA ASN A 463 -15.63 32.81 24.64
C ASN A 463 -16.39 31.54 24.26
N ASN A 464 -15.68 30.42 24.13
CA ASN A 464 -16.28 29.14 23.78
C ASN A 464 -17.00 29.21 22.44
N THR A 465 -16.55 30.09 21.55
CA THR A 465 -17.09 30.14 20.20
C THR A 465 -16.40 29.09 19.33
N ILE A 466 -17.09 28.68 18.28
CA ILE A 466 -16.52 27.68 17.38
C ILE A 466 -15.28 28.25 16.70
N PRO A 467 -14.13 27.58 16.75
CA PRO A 467 -12.97 28.05 15.98
C PRO A 467 -13.17 27.80 14.49
N MET A 468 -12.77 28.78 13.69
CA MET A 468 -12.97 28.75 12.25
C MET A 468 -11.64 28.72 11.52
N SER A 469 -11.52 27.82 10.55
CA SER A 469 -10.42 27.82 9.59
C SER A 469 -11.01 27.94 8.19
N MET A 470 -10.78 29.10 7.56
CA MET A 470 -11.18 29.29 6.17
C MET A 470 -10.02 29.96 5.44
N CYS A 471 -9.79 29.53 4.19
CA CYS A 471 -8.64 30.03 3.45
C CYS A 471 -8.77 31.52 3.15
N SER A 472 -9.99 31.98 2.85
CA SER A 472 -10.20 33.39 2.57
C SER A 472 -11.60 33.79 3.04
N LYS A 473 -11.75 35.08 3.33
CA LYS A 473 -12.99 35.61 3.88
C LYS A 473 -14.05 35.73 2.79
N ARG A 474 -15.32 35.59 3.20
CA ARG A 474 -16.43 35.60 2.27
C ARG A 474 -16.67 37.01 1.71
N CYS A 475 -17.23 37.05 0.51
CA CYS A 475 -17.39 38.30 -0.22
C CYS A 475 -18.41 39.22 0.45
N GLN A 476 -18.22 40.52 0.26
CA GLN A 476 -19.32 41.45 0.37
C GLN A 476 -20.24 41.31 -0.84
N SER A 477 -21.49 41.69 -0.67
CA SER A 477 -22.44 41.63 -1.78
C SER A 477 -21.97 42.55 -2.90
N GLY A 478 -22.07 42.05 -4.14
CA GLY A 478 -21.58 42.80 -5.28
C GLY A 478 -20.09 42.74 -5.49
N GLN A 479 -19.41 41.73 -4.97
CA GLN A 479 -17.99 41.50 -5.20
C GLN A 479 -17.79 40.16 -5.89
N LYS A 480 -17.01 40.16 -6.97
CA LYS A 480 -16.71 38.91 -7.66
C LYS A 480 -15.49 38.23 -7.05
N LYS A 481 -15.49 36.91 -7.10
CA LYS A 481 -14.33 36.13 -6.70
C LYS A 481 -13.31 36.08 -7.82
N LYS A 482 -12.03 36.19 -7.47
CA LYS A 482 -10.93 35.96 -8.39
C LYS A 482 -10.05 34.84 -7.83
N PRO A 483 -10.01 33.66 -8.44
CA PRO A 483 -9.24 32.56 -7.84
C PRO A 483 -7.77 32.90 -7.67
N VAL A 484 -7.18 32.33 -6.62
CA VAL A 484 -5.75 32.43 -6.34
C VAL A 484 -5.19 31.03 -6.22
N GLY A 485 -4.21 30.70 -7.06
CA GLY A 485 -3.55 29.41 -6.94
C GLY A 485 -4.43 28.24 -7.30
N ILE A 486 -4.09 27.09 -6.74
CA ILE A 486 -4.71 25.83 -7.15
C ILE A 486 -6.02 25.59 -6.41
N HIS A 487 -6.05 25.88 -5.11
CA HIS A 487 -7.17 25.47 -4.28
C HIS A 487 -8.40 26.32 -4.54
N VAL A 488 -9.57 25.66 -4.52
CA VAL A 488 -10.83 26.34 -4.82
C VAL A 488 -11.16 27.40 -3.78
N CYS A 489 -10.76 27.17 -2.53
CA CYS A 489 -11.12 28.08 -1.44
C CYS A 489 -10.37 29.40 -1.47
N CYS A 490 -9.39 29.54 -2.37
CA CYS A 490 -8.56 30.74 -2.45
C CYS A 490 -9.13 31.69 -3.49
N PHE A 491 -9.45 32.91 -3.08
CA PHE A 491 -9.93 33.91 -4.02
C PHE A 491 -9.75 35.30 -3.44
N GLU A 492 -9.51 36.26 -4.34
CA GLU A 492 -9.64 37.67 -4.01
C GLU A 492 -11.09 38.09 -4.20
N CYS A 493 -11.51 39.08 -3.41
CA CYS A 493 -12.82 39.70 -3.57
C CYS A 493 -12.64 41.06 -4.23
N ILE A 494 -13.30 41.26 -5.37
CA ILE A 494 -13.07 42.42 -6.21
C ILE A 494 -14.41 43.08 -6.54
N ASP A 495 -14.44 44.41 -6.47
CA ASP A 495 -15.65 45.17 -6.68
C ASP A 495 -16.08 45.15 -8.14
N CYS A 496 -17.39 45.07 -8.36
CA CYS A 496 -17.93 45.26 -9.70
C CYS A 496 -17.84 46.72 -10.10
N LEU A 497 -17.56 46.96 -11.38
CA LEU A 497 -17.48 48.33 -11.86
C LEU A 497 -18.86 48.86 -12.26
N PRO A 498 -19.05 50.17 -12.25
CA PRO A 498 -20.34 50.72 -12.70
C PRO A 498 -20.68 50.27 -14.10
N GLY A 499 -21.95 50.00 -14.33
CA GLY A 499 -22.39 49.40 -15.58
C GLY A 499 -22.38 47.90 -15.59
N THR A 500 -22.00 47.26 -14.49
CA THR A 500 -22.01 45.82 -14.35
C THR A 500 -22.58 45.45 -12.98
N PHE A 501 -23.08 44.23 -12.87
CA PHE A 501 -23.64 43.75 -11.62
C PHE A 501 -23.40 42.26 -11.49
N LEU A 502 -23.48 41.77 -10.25
CA LEU A 502 -23.24 40.37 -9.94
C LEU A 502 -24.51 39.77 -9.34
N ASN A 503 -24.94 38.64 -9.89
CA ASN A 503 -26.13 37.93 -9.43
C ASN A 503 -25.67 36.67 -8.70
N HIS A 504 -25.74 36.71 -7.36
CA HIS A 504 -25.20 35.62 -6.55
C HIS A 504 -25.94 34.31 -6.76
N THR A 505 -27.19 34.36 -7.24
CA THR A 505 -27.92 33.14 -7.56
C THR A 505 -27.51 32.55 -8.89
N GLU A 506 -26.70 33.26 -9.66
CA GLU A 506 -26.37 32.89 -11.03
C GLU A 506 -24.88 32.68 -11.26
N ASP A 507 -24.03 33.52 -10.68
CA ASP A 507 -22.59 33.36 -10.81
C ASP A 507 -21.92 34.23 -9.76
N GLU A 508 -20.64 33.95 -9.50
CA GLU A 508 -19.85 34.73 -8.56
C GLU A 508 -18.43 35.01 -9.04
N TYR A 509 -18.02 34.50 -10.19
CA TYR A 509 -16.65 34.59 -10.63
C TYR A 509 -16.42 35.64 -11.72
N GLU A 510 -17.47 36.25 -12.27
CA GLU A 510 -17.28 37.39 -13.17
C GLU A 510 -18.54 38.23 -13.19
N CYS A 511 -18.36 39.52 -13.47
CA CYS A 511 -19.47 40.46 -13.55
C CYS A 511 -20.21 40.28 -14.88
N GLN A 512 -21.46 40.73 -14.91
CA GLN A 512 -22.24 40.76 -16.14
C GLN A 512 -22.87 42.14 -16.33
N ALA A 513 -23.00 42.54 -17.59
CA ALA A 513 -23.33 43.91 -17.92
C ALA A 513 -24.82 44.20 -17.72
N CYS A 514 -25.12 45.46 -17.45
CA CYS A 514 -26.49 45.93 -17.32
C CYS A 514 -27.14 46.04 -18.69
N PRO A 515 -28.49 45.99 -18.75
CA PRO A 515 -29.18 46.25 -20.01
C PRO A 515 -28.78 47.59 -20.63
N ASN A 516 -29.09 47.77 -21.92
CA ASN A 516 -28.54 48.89 -22.68
C ASN A 516 -28.96 50.26 -22.14
N ASN A 517 -30.04 50.33 -21.34
CA ASN A 517 -30.49 51.60 -20.77
C ASN A 517 -30.46 51.59 -19.25
N GLU A 518 -29.62 50.75 -18.65
CA GLU A 518 -29.49 50.64 -17.21
C GLU A 518 -28.06 50.97 -16.78
N TRP A 519 -27.89 51.12 -15.48
CA TRP A 519 -26.60 51.41 -14.87
C TRP A 519 -26.60 50.85 -13.45
N SER A 520 -25.48 50.98 -12.76
CA SER A 520 -25.34 50.37 -11.44
C SER A 520 -24.42 51.20 -10.56
N TYR A 521 -24.55 51.01 -9.25
CA TYR A 521 -23.75 51.72 -8.25
C TYR A 521 -22.46 50.97 -7.93
N GLN A 522 -21.65 50.77 -8.97
CA GLN A 522 -20.37 50.08 -8.80
C GLN A 522 -20.59 48.69 -8.20
N SER A 523 -20.15 48.48 -6.95
CA SER A 523 -20.31 47.20 -6.29
C SER A 523 -21.75 47.03 -5.80
N GLU A 524 -22.61 46.50 -6.67
CA GLU A 524 -24.03 46.41 -6.37
C GLU A 524 -24.62 45.20 -7.11
N THR A 525 -25.64 44.61 -6.51
CA THR A 525 -26.26 43.39 -7.01
C THR A 525 -27.28 43.63 -8.12
N SER A 526 -27.58 44.88 -8.46
CA SER A 526 -28.78 45.19 -9.23
C SER A 526 -28.54 46.41 -10.10
N CYS A 527 -29.44 46.58 -11.07
CA CYS A 527 -29.41 47.65 -12.04
C CYS A 527 -30.39 48.75 -11.66
N PHE A 528 -30.27 49.90 -12.33
CA PHE A 528 -31.27 50.96 -12.22
C PHE A 528 -31.35 51.72 -13.53
N LYS A 529 -32.51 52.35 -13.74
CA LYS A 529 -32.86 52.90 -15.04
C LYS A 529 -32.21 54.27 -15.27
N ARG A 530 -31.59 54.43 -16.44
CA ARG A 530 -31.12 55.74 -16.88
C ARG A 530 -32.20 56.47 -17.66
N GLN A 531 -32.23 57.79 -17.53
CA GLN A 531 -33.18 58.60 -18.28
C GLN A 531 -32.64 58.91 -19.67
N LEU B 1 3.31 -30.35 -29.90
CA LEU B 1 4.61 -30.61 -29.22
C LEU B 1 4.42 -31.17 -27.82
N CYS B 2 5.26 -32.13 -27.45
CA CYS B 2 5.32 -32.65 -26.09
C CYS B 2 6.15 -31.75 -25.17
N LEU B 3 5.80 -30.47 -25.10
CA LEU B 3 6.68 -29.46 -24.52
C LEU B 3 6.56 -29.39 -23.00
N SER B 4 5.35 -29.51 -22.45
CA SER B 4 5.17 -29.39 -21.02
C SER B 4 5.85 -30.49 -20.23
N GLN B 5 6.23 -31.60 -20.88
CA GLN B 5 6.95 -32.67 -20.21
C GLN B 5 8.39 -32.29 -19.88
N GLN B 6 8.92 -31.22 -20.48
CA GLN B 6 10.30 -30.80 -20.29
C GLN B 6 10.50 -29.94 -19.05
N PHE B 7 9.52 -29.86 -18.16
CA PHE B 7 9.57 -28.95 -17.02
C PHE B 7 10.13 -29.58 -15.76
N LYS B 8 10.51 -30.86 -15.80
CA LYS B 8 11.04 -31.55 -14.64
C LYS B 8 12.26 -32.37 -15.03
N ALA B 9 13.27 -32.37 -14.16
CA ALA B 9 14.49 -33.11 -14.40
C ALA B 9 15.09 -33.55 -13.06
N GLN B 10 15.67 -34.74 -13.05
CA GLN B 10 16.25 -35.28 -11.82
C GLN B 10 17.64 -34.71 -11.57
N GLY B 11 18.09 -34.81 -10.32
CA GLY B 11 19.43 -34.41 -9.96
C GLY B 11 19.70 -34.69 -8.50
N ASP B 12 20.94 -34.41 -8.08
CA ASP B 12 21.27 -34.50 -6.67
C ASP B 12 20.61 -33.40 -5.87
N TYR B 13 20.51 -32.20 -6.43
CA TYR B 13 19.77 -31.09 -5.85
C TYR B 13 18.85 -30.50 -6.91
N ILE B 14 17.74 -29.93 -6.47
CA ILE B 14 16.66 -29.53 -7.38
C ILE B 14 16.26 -28.09 -7.06
N LEU B 15 16.05 -27.31 -8.12
CA LEU B 15 15.58 -25.93 -8.02
C LEU B 15 14.11 -25.86 -8.42
N GLY B 16 13.29 -25.26 -7.57
CA GLY B 16 11.92 -24.98 -7.93
C GLY B 16 11.81 -23.71 -8.75
N GLY B 17 10.78 -23.65 -9.58
CA GLY B 17 10.56 -22.48 -10.42
C GLY B 17 9.11 -22.08 -10.52
N LEU B 18 8.84 -20.78 -10.37
CA LEU B 18 7.51 -20.21 -10.53
C LEU B 18 7.54 -19.23 -11.70
N PHE B 19 6.75 -19.53 -12.73
CA PHE B 19 6.77 -18.73 -13.94
C PHE B 19 5.35 -18.51 -14.44
N PRO B 20 5.11 -17.41 -15.18
CA PRO B 20 3.77 -17.12 -15.74
C PRO B 20 3.50 -17.95 -17.00
N LEU B 21 3.44 -19.27 -16.84
CA LEU B 21 3.26 -20.16 -17.98
C LEU B 21 1.83 -20.20 -18.48
N GLY B 22 0.88 -19.59 -17.79
CA GLY B 22 -0.49 -19.58 -18.26
C GLY B 22 -1.30 -18.54 -17.52
N SER B 23 -2.52 -18.34 -18.00
CA SER B 23 -3.41 -17.31 -17.44
C SER B 23 -4.85 -17.68 -17.79
N THR B 24 -5.76 -16.73 -17.56
CA THR B 24 -7.18 -16.94 -17.81
C THR B 24 -7.80 -15.62 -18.24
N GLU B 25 -8.94 -15.71 -18.92
CA GLU B 25 -9.69 -14.51 -19.26
C GLU B 25 -10.34 -13.90 -18.01
N GLU B 26 -10.75 -12.64 -18.14
CA GLU B 26 -11.27 -11.90 -17.00
C GLU B 26 -12.56 -12.51 -16.45
N ALA B 27 -13.32 -13.22 -17.28
CA ALA B 27 -14.60 -13.76 -16.83
C ALA B 27 -14.45 -14.71 -15.64
N THR B 28 -13.26 -15.27 -15.44
CA THR B 28 -13.05 -16.21 -14.34
C THR B 28 -12.99 -15.53 -12.98
N LEU B 29 -12.70 -14.23 -12.94
CA LEU B 29 -12.36 -13.57 -11.69
C LEU B 29 -13.60 -13.17 -10.90
N ASN B 30 -14.47 -14.14 -10.61
CA ASN B 30 -15.55 -13.93 -9.67
C ASN B 30 -15.12 -14.36 -8.27
N GLN B 31 -15.99 -14.09 -7.29
CA GLN B 31 -15.73 -14.53 -5.93
C GLN B 31 -15.69 -16.05 -5.85
N ARG B 32 -14.71 -16.57 -5.13
CA ARG B 32 -14.58 -18.01 -4.93
C ARG B 32 -15.52 -18.44 -3.82
N THR B 33 -16.32 -19.47 -4.09
CA THR B 33 -17.33 -19.94 -3.15
C THR B 33 -17.25 -21.42 -2.82
N GLN B 34 -16.56 -22.23 -3.64
CA GLN B 34 -16.31 -23.62 -3.33
C GLN B 34 -14.86 -23.91 -3.70
N PRO B 35 -14.10 -24.61 -2.82
CA PRO B 35 -12.65 -24.73 -3.00
C PRO B 35 -12.23 -25.76 -4.05
N ASN B 36 -12.73 -25.58 -5.27
CA ASN B 36 -12.40 -26.49 -6.36
C ASN B 36 -11.12 -26.03 -7.06
N SER B 37 -10.66 -26.85 -8.00
CA SER B 37 -9.47 -26.54 -8.78
C SER B 37 -9.79 -25.43 -9.80
N ILE B 38 -8.73 -24.78 -10.26
CA ILE B 38 -8.82 -23.68 -11.22
C ILE B 38 -8.22 -24.15 -12.55
N PRO B 39 -8.95 -24.08 -13.65
CA PRO B 39 -8.46 -24.65 -14.91
C PRO B 39 -7.42 -23.80 -15.62
N CYS B 40 -6.63 -24.46 -16.46
CA CYS B 40 -5.64 -23.80 -17.33
C CYS B 40 -6.34 -23.36 -18.62
N ASN B 41 -6.73 -22.08 -18.66
CA ASN B 41 -7.53 -21.59 -19.77
C ASN B 41 -6.68 -21.08 -20.93
N ARG B 42 -5.57 -20.38 -20.64
CA ARG B 42 -4.88 -19.60 -21.65
C ARG B 42 -3.38 -19.80 -21.56
N PHE B 43 -2.73 -19.84 -22.73
CA PHE B 43 -1.29 -19.97 -22.82
C PHE B 43 -0.60 -18.62 -22.67
N SER B 44 0.70 -18.66 -22.37
CA SER B 44 1.52 -17.46 -22.21
C SER B 44 2.94 -17.72 -22.71
N PRO B 45 3.41 -17.01 -23.74
CA PRO B 45 4.76 -17.26 -24.23
C PRO B 45 5.87 -16.71 -23.34
N LEU B 46 5.60 -15.61 -22.62
CA LEU B 46 6.63 -15.03 -21.76
C LEU B 46 7.12 -16.03 -20.73
N GLY B 47 6.19 -16.73 -20.06
CA GLY B 47 6.58 -17.74 -19.10
C GLY B 47 7.38 -18.85 -19.74
N LEU B 48 7.02 -19.25 -20.96
CA LEU B 48 7.77 -20.30 -21.64
C LEU B 48 9.20 -19.86 -21.92
N PHE B 49 9.38 -18.61 -22.36
CA PHE B 49 10.72 -18.12 -22.62
C PHE B 49 11.56 -18.05 -21.35
N LEU B 50 10.97 -17.57 -20.25
CA LEU B 50 11.73 -17.51 -18.99
C LEU B 50 12.07 -18.91 -18.48
N ALA B 51 11.14 -19.85 -18.59
CA ALA B 51 11.42 -21.23 -18.22
C ALA B 51 12.54 -21.80 -19.10
N MET B 52 12.53 -21.46 -20.39
CA MET B 52 13.62 -21.88 -21.27
C MET B 52 14.96 -21.30 -20.81
N ALA B 53 14.94 -20.06 -20.34
CA ALA B 53 16.17 -19.45 -19.83
C ALA B 53 16.70 -20.23 -18.63
N MET B 54 15.81 -20.58 -17.69
CA MET B 54 16.25 -21.34 -16.53
C MET B 54 16.79 -22.71 -16.95
N LYS B 55 16.09 -23.37 -17.87
CA LYS B 55 16.54 -24.66 -18.37
C LYS B 55 17.92 -24.55 -19.00
N MET B 56 18.13 -23.51 -19.80
CA MET B 56 19.43 -23.28 -20.43
C MET B 56 20.52 -23.09 -19.40
N ALA B 57 20.26 -22.28 -18.39
CA ALA B 57 21.27 -22.04 -17.35
C ALA B 57 21.63 -23.34 -16.65
N VAL B 58 20.63 -24.15 -16.27
CA VAL B 58 20.92 -25.39 -15.59
C VAL B 58 21.66 -26.37 -16.51
N GLU B 59 21.32 -26.38 -17.79
CA GLU B 59 22.03 -27.25 -18.73
C GLU B 59 23.49 -26.86 -18.84
N GLU B 60 23.75 -25.56 -18.94
CA GLU B 60 25.13 -25.09 -18.98
C GLU B 60 25.89 -25.49 -17.72
N ILE B 61 25.26 -25.31 -16.56
CA ILE B 61 25.92 -25.65 -15.31
C ILE B 61 26.21 -27.14 -15.25
N ASN B 62 25.31 -27.97 -15.78
CA ASN B 62 25.54 -29.40 -15.80
C ASN B 62 26.60 -29.81 -16.82
N ASN B 63 26.88 -28.95 -17.81
CA ASN B 63 27.97 -29.23 -18.74
C ASN B 63 29.33 -28.76 -18.22
N GLY B 64 29.43 -27.50 -17.82
CA GLY B 64 30.69 -26.92 -17.38
C GLY B 64 31.02 -27.23 -15.94
N SER B 65 32.22 -27.79 -15.72
CA SER B 65 32.69 -28.17 -14.38
C SER B 65 33.05 -26.99 -13.50
N ALA B 66 32.87 -25.73 -13.93
CA ALA B 66 33.25 -24.61 -13.08
C ALA B 66 32.44 -24.59 -11.78
N LEU B 67 31.23 -25.13 -11.80
CA LEU B 67 30.36 -25.15 -10.64
C LEU B 67 29.88 -26.58 -10.38
N LEU B 68 29.77 -26.93 -9.10
CA LEU B 68 29.22 -28.20 -8.67
C LEU B 68 29.84 -29.38 -9.44
N PRO B 69 31.17 -29.51 -9.39
CA PRO B 69 31.84 -30.57 -10.15
C PRO B 69 31.44 -31.94 -9.64
N GLY B 70 31.01 -32.80 -10.56
CA GLY B 70 30.61 -34.15 -10.23
C GLY B 70 29.18 -34.32 -9.78
N LEU B 71 28.46 -33.23 -9.52
CA LEU B 71 27.07 -33.30 -9.13
C LEU B 71 26.15 -33.00 -10.32
N ARG B 72 24.91 -33.44 -10.20
CA ARG B 72 23.87 -33.19 -11.19
C ARG B 72 22.80 -32.31 -10.57
N LEU B 73 22.46 -31.22 -11.26
CA LEU B 73 21.49 -30.25 -10.77
C LEU B 73 20.19 -30.39 -11.54
N GLY B 74 19.08 -30.54 -10.80
CA GLY B 74 17.77 -30.72 -11.38
C GLY B 74 16.91 -29.48 -11.24
N TYR B 75 15.71 -29.56 -11.81
CA TYR B 75 14.75 -28.46 -11.75
C TYR B 75 13.33 -29.01 -11.75
N ASP B 76 12.41 -28.20 -11.23
CA ASP B 76 11.00 -28.56 -11.12
C ASP B 76 10.18 -27.26 -11.25
N LEU B 77 9.66 -27.02 -12.44
CA LEU B 77 9.02 -25.75 -12.78
C LEU B 77 7.50 -25.87 -12.71
N PHE B 78 6.86 -24.84 -12.15
CA PHE B 78 5.41 -24.79 -12.02
C PHE B 78 4.90 -23.44 -12.49
N ASP B 79 3.64 -23.43 -12.93
CA ASP B 79 2.99 -22.21 -13.37
C ASP B 79 2.37 -21.47 -12.19
N THR B 80 2.55 -20.15 -12.16
CA THR B 80 1.83 -19.33 -11.19
C THR B 80 0.38 -19.11 -11.59
N CYS B 81 0.08 -19.17 -12.88
CA CYS B 81 -1.25 -18.84 -13.40
C CYS B 81 -1.67 -17.42 -13.03
N SER B 82 -0.71 -16.59 -12.62
CA SER B 82 -0.98 -15.23 -12.15
C SER B 82 -2.06 -15.21 -11.07
N GLU B 83 -2.18 -16.32 -10.34
CA GLU B 83 -3.27 -16.52 -9.38
C GLU B 83 -2.69 -16.90 -8.02
N PRO B 84 -2.99 -16.14 -6.96
CA PRO B 84 -2.48 -16.52 -5.62
C PRO B 84 -2.83 -17.93 -5.18
N VAL B 85 -4.03 -18.43 -5.49
CA VAL B 85 -4.41 -19.78 -5.04
C VAL B 85 -3.52 -20.84 -5.66
N VAL B 86 -3.36 -20.78 -6.99
CA VAL B 86 -2.51 -21.75 -7.67
C VAL B 86 -1.06 -21.58 -7.24
N THR B 87 -0.63 -20.34 -7.05
CA THR B 87 0.73 -20.08 -6.58
C THR B 87 0.96 -20.69 -5.21
N MET B 88 -0.02 -20.56 -4.31
CA MET B 88 0.10 -21.16 -2.99
C MET B 88 0.13 -22.68 -3.06
N LYS B 89 -0.67 -23.27 -3.94
CA LYS B 89 -0.61 -24.72 -4.13
C LYS B 89 0.79 -25.15 -4.54
N SER B 90 1.37 -24.47 -5.53
CA SER B 90 2.72 -24.82 -5.97
C SER B 90 3.75 -24.60 -4.85
N SER B 91 3.62 -23.50 -4.11
CA SER B 91 4.54 -23.21 -3.03
C SER B 91 4.48 -24.31 -1.97
N LEU B 92 3.26 -24.74 -1.61
CA LEU B 92 3.11 -25.83 -0.66
C LEU B 92 3.74 -27.11 -1.18
N MET B 93 3.56 -27.40 -2.47
CA MET B 93 4.16 -28.60 -3.03
C MET B 93 5.68 -28.56 -2.93
N PHE B 94 6.28 -27.38 -3.13
CA PHE B 94 7.73 -27.27 -3.02
C PHE B 94 8.24 -27.68 -1.65
N LEU B 95 7.49 -27.39 -0.59
CA LEU B 95 7.98 -27.54 0.77
C LEU B 95 7.74 -28.91 1.38
N ALA B 96 6.97 -29.78 0.72
CA ALA B 96 6.65 -31.07 1.28
C ALA B 96 7.85 -32.02 1.23
N LYS B 97 7.92 -32.92 2.21
CA LYS B 97 8.95 -33.96 2.21
C LYS B 97 8.89 -34.76 0.91
N VAL B 98 10.07 -35.17 0.43
CA VAL B 98 10.15 -35.93 -0.81
C VAL B 98 9.37 -37.22 -0.69
N GLY B 99 8.66 -37.57 -1.76
CA GLY B 99 7.88 -38.79 -1.79
C GLY B 99 6.52 -38.66 -1.14
N SER B 100 6.41 -37.80 -0.13
CA SER B 100 5.15 -37.59 0.56
C SER B 100 4.22 -36.70 -0.27
N GLN B 101 2.96 -36.64 0.16
CA GLN B 101 1.95 -35.78 -0.45
C GLN B 101 1.36 -34.82 0.58
N SER B 102 2.11 -34.53 1.65
CA SER B 102 1.58 -33.73 2.74
C SER B 102 2.72 -32.98 3.41
N ILE B 103 2.35 -31.95 4.18
CA ILE B 103 3.29 -31.14 4.93
C ILE B 103 2.91 -31.19 6.39
N ALA B 104 3.91 -31.09 7.26
CA ALA B 104 3.73 -31.23 8.70
C ALA B 104 3.86 -29.87 9.37
N ALA B 105 2.98 -29.61 10.34
CA ALA B 105 2.95 -28.34 11.04
C ALA B 105 3.97 -28.26 12.17
N TYR B 106 5.25 -28.44 11.87
CA TYR B 106 6.29 -28.23 12.86
C TYR B 106 6.40 -26.76 13.22
N CYS B 107 6.97 -26.50 14.40
CA CYS B 107 6.99 -25.15 14.95
C CYS B 107 8.17 -24.29 14.46
N ASN B 108 9.21 -24.89 13.89
CA ASN B 108 10.36 -24.11 13.44
C ASN B 108 11.01 -24.80 12.24
N TYR B 109 11.84 -24.03 11.53
CA TYR B 109 12.33 -24.43 10.22
C TYR B 109 13.21 -25.68 10.27
N THR B 110 13.98 -25.86 11.34
CA THR B 110 14.98 -26.93 11.38
C THR B 110 14.36 -28.31 11.25
N GLN B 111 13.06 -28.46 11.52
CA GLN B 111 12.40 -29.76 11.47
C GLN B 111 11.90 -30.15 10.09
N TYR B 112 11.93 -29.23 9.12
CA TYR B 112 11.46 -29.53 7.78
C TYR B 112 12.60 -30.06 6.91
N GLN B 113 12.22 -30.76 5.83
CA GLN B 113 13.18 -31.30 4.86
C GLN B 113 12.55 -31.25 3.48
N PRO B 114 12.47 -30.06 2.88
CA PRO B 114 11.71 -29.91 1.64
C PRO B 114 12.41 -30.56 0.46
N ARG B 115 11.64 -30.75 -0.62
CA ARG B 115 12.10 -31.47 -1.80
C ARG B 115 12.88 -30.60 -2.78
N VAL B 116 12.91 -29.28 -2.60
CA VAL B 116 13.72 -28.41 -3.45
C VAL B 116 14.68 -27.62 -2.58
N LEU B 117 15.82 -27.26 -3.17
CA LEU B 117 16.84 -26.51 -2.45
C LEU B 117 16.57 -25.01 -2.45
N ALA B 118 16.04 -24.49 -3.56
CA ALA B 118 15.73 -23.06 -3.65
C ALA B 118 14.64 -22.87 -4.69
N VAL B 119 13.98 -21.72 -4.63
CA VAL B 119 12.87 -21.39 -5.51
C VAL B 119 13.25 -20.14 -6.30
N ILE B 120 13.21 -20.24 -7.63
CA ILE B 120 13.40 -19.08 -8.48
C ILE B 120 12.02 -18.45 -8.69
N GLY B 121 11.83 -17.26 -8.12
CA GLY B 121 10.54 -16.79 -7.70
C GLY B 121 9.67 -16.28 -8.83
N PRO B 122 8.49 -15.80 -8.44
CA PRO B 122 7.47 -15.41 -9.43
C PRO B 122 7.82 -14.13 -10.17
N HIS B 123 7.06 -13.87 -11.24
CA HIS B 123 7.30 -12.73 -12.10
C HIS B 123 6.82 -11.42 -11.47
N SER B 124 5.61 -11.43 -10.91
CA SER B 124 4.98 -10.21 -10.41
C SER B 124 5.31 -9.95 -8.95
N SER B 125 5.21 -8.68 -8.55
CA SER B 125 5.53 -8.29 -7.18
C SER B 125 4.47 -8.75 -6.18
N GLU B 126 3.21 -8.87 -6.62
CA GLU B 126 2.17 -9.33 -5.71
C GLU B 126 2.45 -10.74 -5.21
N LEU B 127 2.69 -11.66 -6.15
CA LEU B 127 3.03 -13.02 -5.77
C LEU B 127 4.38 -13.07 -5.07
N ALA B 128 5.28 -12.13 -5.38
CA ALA B 128 6.54 -12.07 -4.65
C ALA B 128 6.29 -11.76 -3.18
N LEU B 129 5.44 -10.79 -2.88
CA LEU B 129 5.11 -10.51 -1.49
C LEU B 129 4.51 -11.74 -0.83
N ILE B 130 3.50 -12.34 -1.46
CA ILE B 130 2.78 -13.45 -0.83
C ILE B 130 3.73 -14.61 -0.56
N THR B 131 4.40 -15.07 -1.62
CA THR B 131 5.24 -16.27 -1.50
C THR B 131 6.50 -15.98 -0.68
N GLY B 132 7.00 -14.75 -0.67
CA GLY B 132 8.10 -14.43 0.21
C GLY B 132 7.72 -14.52 1.67
N LYS B 133 6.55 -13.96 2.03
CA LYS B 133 6.08 -14.11 3.40
C LYS B 133 5.93 -15.57 3.76
N PHE B 134 5.36 -16.37 2.86
CA PHE B 134 5.20 -17.79 3.18
C PHE B 134 6.56 -18.48 3.32
N PHE B 135 7.45 -18.29 2.35
CA PHE B 135 8.72 -19.00 2.34
C PHE B 135 9.62 -18.59 3.50
N SER B 136 9.49 -17.36 4.00
CA SER B 136 10.41 -16.88 5.02
C SER B 136 10.35 -17.74 6.27
N PHE B 137 9.17 -18.28 6.60
CA PHE B 137 9.04 -19.11 7.80
C PHE B 137 9.92 -20.34 7.73
N PHE B 138 10.04 -20.94 6.55
CA PHE B 138 10.90 -22.10 6.34
C PHE B 138 12.33 -21.71 5.98
N LEU B 139 12.60 -20.41 5.82
CA LEU B 139 13.92 -19.95 5.39
C LEU B 139 14.32 -20.60 4.07
N MET B 140 13.34 -20.78 3.19
CA MET B 140 13.61 -21.23 1.83
C MET B 140 14.18 -20.05 1.03
N PRO B 141 15.39 -20.15 0.49
CA PRO B 141 15.94 -19.01 -0.26
C PRO B 141 15.24 -18.86 -1.61
N GLN B 142 14.77 -17.64 -1.88
CA GLN B 142 13.96 -17.34 -3.05
C GLN B 142 14.62 -16.21 -3.82
N VAL B 143 14.87 -16.44 -5.10
CA VAL B 143 15.49 -15.45 -5.98
C VAL B 143 14.50 -15.11 -7.08
N SER B 144 14.12 -13.83 -7.17
CA SER B 144 13.17 -13.35 -8.16
C SER B 144 13.90 -12.61 -9.27
N TYR B 145 13.45 -12.81 -10.50
CA TYR B 145 14.05 -12.17 -11.66
C TYR B 145 13.33 -10.89 -12.08
N SER B 146 12.15 -10.61 -11.54
CA SER B 146 11.33 -9.51 -12.05
C SER B 146 10.77 -8.58 -10.98
N ALA B 147 10.64 -9.07 -9.75
CA ALA B 147 9.92 -8.33 -8.72
C ALA B 147 10.82 -7.24 -8.16
N SER B 148 10.47 -5.97 -8.46
CA SER B 148 11.29 -4.83 -8.12
C SER B 148 10.73 -3.98 -6.97
N MET B 149 9.52 -4.25 -6.51
CA MET B 149 8.94 -3.42 -5.45
C MET B 149 9.85 -3.42 -4.23
N ASP B 150 10.10 -2.23 -3.70
CA ASP B 150 11.10 -2.06 -2.65
C ASP B 150 10.66 -2.62 -1.30
N ARG B 151 9.36 -2.85 -1.11
CA ARG B 151 8.89 -3.42 0.16
C ARG B 151 9.55 -4.77 0.43
N LEU B 152 9.99 -5.46 -0.61
CA LEU B 152 10.66 -6.74 -0.45
C LEU B 152 12.09 -6.62 0.07
N SER B 153 12.63 -5.41 0.17
CA SER B 153 13.97 -5.22 0.71
C SER B 153 14.04 -5.46 2.21
N ASP B 154 12.90 -5.40 2.91
CA ASP B 154 12.88 -5.51 4.36
C ASP B 154 13.32 -6.90 4.83
N ARG B 155 14.48 -6.98 5.46
CA ARG B 155 15.01 -8.25 5.93
C ARG B 155 14.21 -8.84 7.09
N GLU B 156 13.40 -8.04 7.77
CA GLU B 156 12.64 -8.55 8.92
C GLU B 156 11.50 -9.44 8.46
N THR B 157 10.75 -9.01 7.45
CA THR B 157 9.66 -9.81 6.90
C THR B 157 10.11 -10.72 5.77
N PHE B 158 11.23 -10.42 5.11
CA PHE B 158 11.71 -11.19 3.97
C PHE B 158 13.18 -11.57 4.19
N PRO B 159 13.47 -12.36 5.23
CA PRO B 159 14.88 -12.72 5.51
C PRO B 159 15.52 -13.61 4.45
N SER B 160 14.76 -14.23 3.55
CA SER B 160 15.32 -15.17 2.58
C SER B 160 15.01 -14.80 1.13
N PHE B 161 14.51 -13.59 0.87
CA PHE B 161 14.16 -13.19 -0.49
C PHE B 161 15.33 -12.46 -1.14
N PHE B 162 15.65 -12.84 -2.37
CA PHE B 162 16.67 -12.19 -3.17
C PHE B 162 16.10 -11.90 -4.56
N ARG B 163 16.80 -11.03 -5.28
CA ARG B 163 16.41 -10.73 -6.65
C ARG B 163 17.64 -10.30 -7.43
N THR B 164 17.62 -10.59 -8.74
CA THR B 164 18.68 -10.18 -9.65
C THR B 164 18.32 -8.92 -10.44
N VAL B 165 17.28 -8.21 -10.01
CA VAL B 165 16.93 -6.91 -10.58
C VAL B 165 16.98 -5.88 -9.46
N PRO B 166 17.40 -4.64 -9.73
CA PRO B 166 17.38 -3.61 -8.68
C PRO B 166 15.96 -3.29 -8.25
N SER B 167 15.85 -2.76 -7.03
CA SER B 167 14.55 -2.31 -6.53
C SER B 167 14.22 -0.93 -7.09
N ASP B 168 12.94 -0.55 -6.96
CA ASP B 168 12.48 0.72 -7.53
C ASP B 168 13.23 1.91 -6.94
N ARG B 169 13.75 1.78 -5.72
CA ARG B 169 14.38 2.93 -5.07
C ARG B 169 15.59 3.42 -5.85
N VAL B 170 16.36 2.50 -6.44
CA VAL B 170 17.53 2.91 -7.22
C VAL B 170 17.10 3.67 -8.47
N GLN B 171 16.07 3.17 -9.16
CA GLN B 171 15.55 3.86 -10.33
C GLN B 171 15.07 5.26 -9.97
N LEU B 172 14.38 5.39 -8.84
CA LEU B 172 13.87 6.70 -8.45
C LEU B 172 14.97 7.63 -7.96
N GLN B 173 16.03 7.08 -7.38
CA GLN B 173 17.19 7.92 -7.06
C GLN B 173 17.84 8.44 -8.34
N ALA B 174 17.91 7.59 -9.38
CA ALA B 174 18.40 8.07 -10.67
C ALA B 174 17.50 9.18 -11.22
N VAL B 175 16.18 9.00 -11.09
CA VAL B 175 15.24 10.02 -11.57
C VAL B 175 15.44 11.33 -10.81
N VAL B 176 15.56 11.25 -9.49
CA VAL B 176 15.77 12.45 -8.68
C VAL B 176 17.07 13.14 -9.09
N THR B 177 18.13 12.36 -9.35
CA THR B 177 19.37 12.95 -9.82
C THR B 177 19.18 13.62 -11.18
N LEU B 178 18.38 13.02 -12.05
CA LEU B 178 18.11 13.63 -13.35
C LEU B 178 17.41 14.97 -13.20
N LEU B 179 16.36 15.02 -12.36
CA LEU B 179 15.67 16.28 -12.12
C LEU B 179 16.63 17.31 -11.52
N GLN B 180 17.47 16.87 -10.58
CA GLN B 180 18.42 17.77 -9.93
C GLN B 180 19.44 18.33 -10.92
N ASN B 181 19.82 17.54 -11.93
CA ASN B 181 20.84 17.99 -12.88
C ASN B 181 20.30 19.12 -13.76
N PHE B 182 19.09 18.94 -14.31
CA PHE B 182 18.49 19.96 -15.16
C PHE B 182 17.80 21.07 -14.37
N SER B 183 17.90 21.05 -13.04
CA SER B 183 17.33 22.11 -12.21
C SER B 183 15.82 22.22 -12.39
N TRP B 184 15.16 21.07 -12.53
CA TRP B 184 13.70 21.01 -12.60
C TRP B 184 13.12 20.95 -11.19
N ASN B 185 13.11 22.13 -10.56
CA ASN B 185 12.71 22.23 -9.15
C ASN B 185 11.23 22.01 -8.94
N TRP B 186 10.40 22.24 -9.96
CA TRP B 186 8.95 22.30 -9.82
C TRP B 186 8.33 21.27 -10.77
N VAL B 187 7.74 20.21 -10.21
CA VAL B 187 7.31 19.06 -10.99
C VAL B 187 6.00 18.52 -10.42
N ALA B 188 5.32 17.71 -11.23
CA ALA B 188 4.16 16.95 -10.79
C ALA B 188 4.50 15.47 -10.77
N ALA B 189 4.03 14.78 -9.73
CA ALA B 189 4.30 13.35 -9.55
C ALA B 189 3.00 12.57 -9.72
N LEU B 190 3.02 11.59 -10.62
CA LEU B 190 1.87 10.74 -10.88
C LEU B 190 2.27 9.27 -10.78
N GLY B 191 1.33 8.45 -10.32
CA GLY B 191 1.54 7.03 -10.24
C GLY B 191 0.24 6.28 -10.46
N SER B 192 0.38 5.01 -10.82
CA SER B 192 -0.79 4.16 -11.02
C SER B 192 -1.41 3.78 -9.69
N ASP B 193 -2.73 3.52 -9.70
CA ASP B 193 -3.44 3.20 -8.47
C ASP B 193 -3.03 1.85 -7.88
N ASP B 194 -2.31 1.02 -8.63
CA ASP B 194 -1.84 -0.25 -8.10
C ASP B 194 -0.75 -0.02 -7.05
N ASP B 195 -0.50 -1.06 -6.24
CA ASP B 195 0.54 -0.98 -5.22
C ASP B 195 1.88 -0.56 -5.81
N TYR B 196 2.18 -1.00 -7.03
CA TYR B 196 3.40 -0.57 -7.70
C TYR B 196 3.48 0.95 -7.72
N GLY B 197 2.42 1.60 -8.20
CA GLY B 197 2.42 3.05 -8.31
C GLY B 197 2.33 3.77 -6.97
N ARG B 198 1.55 3.22 -6.03
CA ARG B 198 1.45 3.88 -4.73
C ARG B 198 2.79 3.86 -4.00
N GLU B 199 3.45 2.71 -3.97
CA GLU B 199 4.77 2.64 -3.35
C GLU B 199 5.78 3.47 -4.11
N GLY B 200 5.68 3.51 -5.44
CA GLY B 200 6.56 4.37 -6.21
C GLY B 200 6.40 5.83 -5.84
N LEU B 201 5.16 6.29 -5.73
CA LEU B 201 4.92 7.67 -5.31
C LEU B 201 5.44 7.92 -3.92
N SER B 202 5.26 6.97 -3.00
CA SER B 202 5.80 7.16 -1.66
C SER B 202 7.32 7.32 -1.70
N ILE B 203 8.00 6.45 -2.44
CA ILE B 203 9.46 6.48 -2.50
C ILE B 203 9.93 7.79 -3.12
N PHE B 204 9.34 8.18 -4.25
CA PHE B 204 9.76 9.39 -4.93
C PHE B 204 9.47 10.62 -4.09
N SER B 205 8.31 10.67 -3.43
CA SER B 205 7.98 11.82 -2.60
C SER B 205 8.90 11.92 -1.39
N SER B 206 9.39 10.78 -0.89
CA SER B 206 10.38 10.83 0.18
C SER B 206 11.73 11.30 -0.34
N LEU B 207 12.16 10.81 -1.50
CA LEU B 207 13.49 11.15 -2.01
C LEU B 207 13.56 12.59 -2.48
N ALA B 208 12.54 13.07 -3.20
CA ALA B 208 12.57 14.42 -3.73
C ALA B 208 12.54 15.47 -2.61
N ASN B 209 11.72 15.25 -1.59
CA ASN B 209 11.62 16.22 -0.50
C ASN B 209 12.95 16.45 0.17
N ALA B 210 13.83 15.45 0.18
CA ALA B 210 15.12 15.59 0.84
C ALA B 210 16.13 16.41 0.03
N ARG B 211 15.91 16.56 -1.27
CA ARG B 211 16.85 17.25 -2.15
C ARG B 211 16.33 18.59 -2.65
N GLY B 212 15.22 19.06 -2.11
CA GLY B 212 14.70 20.36 -2.51
C GLY B 212 13.92 20.38 -3.80
N ILE B 213 13.49 19.23 -4.30
CA ILE B 213 12.59 19.19 -5.45
C ILE B 213 11.17 19.34 -4.93
N CYS B 214 10.45 20.33 -5.46
CA CYS B 214 9.12 20.69 -4.97
C CYS B 214 8.07 20.05 -5.88
N ILE B 215 7.25 19.17 -5.30
CA ILE B 215 6.21 18.47 -6.05
C ILE B 215 4.95 19.33 -6.04
N ALA B 216 4.55 19.80 -7.22
CA ALA B 216 3.37 20.64 -7.31
C ALA B 216 2.10 19.85 -7.04
N HIS B 217 1.99 18.65 -7.60
CA HIS B 217 0.80 17.83 -7.43
C HIS B 217 1.21 16.36 -7.39
N GLU B 218 0.59 15.62 -6.47
CA GLU B 218 0.83 14.20 -6.28
C GLU B 218 -0.50 13.48 -6.37
N GLY B 219 -0.62 12.57 -7.35
CA GLY B 219 -1.90 11.96 -7.64
C GLY B 219 -1.76 10.58 -8.23
N LEU B 220 -2.86 9.83 -8.18
CA LEU B 220 -2.92 8.47 -8.70
C LEU B 220 -3.84 8.41 -9.90
N VAL B 221 -3.47 7.60 -10.90
CA VAL B 221 -4.30 7.37 -12.07
C VAL B 221 -4.76 5.92 -12.08
N PRO B 222 -5.99 5.64 -12.52
CA PRO B 222 -6.53 4.29 -12.40
C PRO B 222 -6.00 3.33 -13.46
N GLN B 223 -6.17 2.04 -13.17
CA GLN B 223 -5.78 0.97 -14.08
C GLN B 223 -6.79 0.69 -15.18
N HIS B 224 -8.03 1.19 -15.06
CA HIS B 224 -9.14 0.72 -15.87
C HIS B 224 -9.88 1.87 -16.53
N ASP B 225 -10.74 1.52 -17.49
CA ASP B 225 -11.48 2.47 -18.30
C ASP B 225 -12.95 2.04 -18.40
N THR B 226 -13.55 1.66 -17.27
CA THR B 226 -14.88 1.06 -17.30
C THR B 226 -15.92 1.78 -16.45
N SER B 227 -15.62 2.96 -15.92
CA SER B 227 -16.59 3.70 -15.12
C SER B 227 -16.39 5.20 -15.34
N GLY B 228 -17.48 5.95 -15.25
CA GLY B 228 -17.41 7.39 -15.43
C GLY B 228 -16.55 8.08 -14.40
N GLN B 229 -16.45 7.52 -13.19
CA GLN B 229 -15.57 8.10 -12.19
C GLN B 229 -14.13 8.13 -12.67
N GLN B 230 -13.72 7.14 -13.45
CA GLN B 230 -12.35 7.09 -13.94
C GLN B 230 -12.11 8.15 -15.02
N LEU B 231 -13.08 8.35 -15.92
CA LEU B 231 -12.97 9.44 -16.88
C LEU B 231 -12.88 10.77 -16.16
N GLY B 232 -13.72 10.98 -15.15
CA GLY B 232 -13.66 12.20 -14.39
C GLY B 232 -12.34 12.37 -13.67
N LYS B 233 -11.78 11.26 -13.15
CA LYS B 233 -10.53 11.34 -12.41
C LYS B 233 -9.37 11.69 -13.33
N VAL B 234 -9.32 11.11 -14.53
CA VAL B 234 -8.25 11.49 -15.46
C VAL B 234 -8.43 12.93 -15.91
N LEU B 235 -9.67 13.37 -16.12
CA LEU B 235 -9.90 14.77 -16.45
C LEU B 235 -9.42 15.68 -15.31
N ASP B 236 -9.67 15.28 -14.07
CA ASP B 236 -9.23 16.08 -12.92
C ASP B 236 -7.72 16.09 -12.80
N VAL B 237 -7.06 14.97 -13.09
CA VAL B 237 -5.60 14.92 -13.08
C VAL B 237 -5.04 15.86 -14.14
N LEU B 238 -5.65 15.87 -15.33
CA LEU B 238 -5.25 16.81 -16.36
C LEU B 238 -5.45 18.25 -15.89
N ARG B 239 -6.57 18.52 -15.22
CA ARG B 239 -6.81 19.85 -14.67
C ARG B 239 -5.72 20.25 -13.69
N GLN B 240 -5.34 19.33 -12.80
CA GLN B 240 -4.29 19.61 -11.82
C GLN B 240 -2.97 19.90 -12.51
N VAL B 241 -2.60 19.07 -13.49
CA VAL B 241 -1.33 19.26 -14.19
C VAL B 241 -1.33 20.59 -14.93
N ASN B 242 -2.48 20.99 -15.48
CA ASN B 242 -2.54 22.25 -16.22
C ASN B 242 -2.46 23.45 -15.27
N GLN B 243 -3.26 23.43 -14.20
CA GLN B 243 -3.37 24.62 -13.35
C GLN B 243 -2.08 24.90 -12.58
N SER B 244 -1.30 23.86 -12.29
CA SER B 244 -0.05 24.05 -11.56
C SER B 244 1.04 24.66 -12.43
N LYS B 245 0.82 24.79 -13.73
CA LYS B 245 1.79 25.38 -14.65
C LYS B 245 3.10 24.59 -14.67
N VAL B 246 3.03 23.30 -14.31
CA VAL B 246 4.19 22.43 -14.38
C VAL B 246 4.52 22.12 -15.83
N GLN B 247 5.80 21.93 -16.13
CA GLN B 247 6.24 21.51 -17.45
C GLN B 247 6.89 20.13 -17.45
N VAL B 248 7.25 19.60 -16.29
CA VAL B 248 7.90 18.30 -16.18
C VAL B 248 7.06 17.43 -15.26
N VAL B 249 6.69 16.25 -15.73
CA VAL B 249 5.85 15.31 -15.00
C VAL B 249 6.58 13.99 -14.86
N VAL B 250 6.61 13.46 -13.64
CA VAL B 250 7.13 12.13 -13.37
C VAL B 250 5.95 11.18 -13.27
N LEU B 251 5.98 10.11 -14.07
CA LEU B 251 4.83 9.20 -14.23
C LEU B 251 5.30 7.78 -13.94
N PHE B 252 5.19 7.38 -12.66
CA PHE B 252 5.58 6.04 -12.22
C PHE B 252 4.36 5.12 -12.24
N ALA B 253 3.96 4.74 -13.45
CA ALA B 253 2.70 4.03 -13.67
C ALA B 253 2.89 2.85 -14.61
N SER B 254 2.04 1.83 -14.43
CA SER B 254 2.04 0.66 -15.30
C SER B 254 1.57 1.03 -16.70
N ALA B 255 1.87 0.16 -17.66
CA ALA B 255 1.64 0.48 -19.07
C ALA B 255 0.16 0.69 -19.38
N ARG B 256 -0.73 -0.10 -18.76
CA ARG B 256 -2.16 0.09 -19.02
C ARG B 256 -2.63 1.46 -18.54
N ALA B 257 -2.21 1.87 -17.33
CA ALA B 257 -2.59 3.17 -16.81
C ALA B 257 -2.04 4.29 -17.69
N VAL B 258 -0.79 4.16 -18.14
CA VAL B 258 -0.21 5.18 -19.00
C VAL B 258 -0.94 5.23 -20.34
N TYR B 259 -1.33 4.07 -20.87
CA TYR B 259 -2.09 4.04 -22.11
C TYR B 259 -3.40 4.79 -21.95
N SER B 260 -4.12 4.53 -20.84
CA SER B 260 -5.37 5.24 -20.59
C SER B 260 -5.12 6.74 -20.50
N LEU B 261 -4.16 7.15 -19.66
CA LEU B 261 -3.90 8.56 -19.43
C LEU B 261 -3.52 9.26 -20.73
N PHE B 262 -2.63 8.64 -21.52
CA PHE B 262 -2.18 9.25 -22.76
C PHE B 262 -3.28 9.31 -23.80
N SER B 263 -4.09 8.26 -23.91
CA SER B 263 -5.20 8.31 -24.87
C SER B 263 -6.18 9.42 -24.52
N TYR B 264 -6.51 9.57 -23.23
CA TYR B 264 -7.42 10.66 -22.86
C TYR B 264 -6.76 12.02 -22.98
N SER B 265 -5.45 12.10 -22.76
CA SER B 265 -4.72 13.36 -22.94
C SER B 265 -4.74 13.79 -24.40
N ILE B 266 -4.54 12.85 -25.32
CA ILE B 266 -4.67 13.14 -26.74
C ILE B 266 -6.09 13.54 -27.06
N HIS B 267 -7.06 12.85 -26.48
CA HIS B 267 -8.46 13.18 -26.71
C HIS B 267 -8.77 14.62 -26.31
N HIS B 268 -8.23 15.05 -25.17
CA HIS B 268 -8.46 16.40 -24.67
C HIS B 268 -7.43 17.42 -25.15
N GLY B 269 -6.47 17.01 -25.96
CA GLY B 269 -5.55 17.96 -26.57
C GLY B 269 -4.61 18.67 -25.61
N LEU B 270 -4.03 17.94 -24.66
CA LEU B 270 -3.10 18.54 -23.72
C LEU B 270 -1.85 19.06 -24.42
N SER B 271 -1.31 20.17 -23.92
CA SER B 271 -0.11 20.75 -24.50
C SER B 271 1.13 19.92 -24.13
N PRO B 272 2.21 20.05 -24.91
CA PRO B 272 3.40 19.22 -24.67
C PRO B 272 3.96 19.38 -23.25
N LYS B 273 4.44 18.27 -22.70
CA LYS B 273 5.15 18.25 -21.44
C LYS B 273 6.31 17.26 -21.53
N VAL B 274 7.27 17.41 -20.62
CA VAL B 274 8.31 16.40 -20.45
C VAL B 274 7.76 15.33 -19.51
N TRP B 275 7.78 14.08 -19.97
CA TRP B 275 7.32 12.94 -19.19
C TRP B 275 8.52 12.06 -18.86
N VAL B 276 8.76 11.86 -17.57
CA VAL B 276 9.84 11.01 -17.09
C VAL B 276 9.27 9.64 -16.81
N ALA B 277 9.78 8.63 -17.51
CA ALA B 277 9.14 7.32 -17.54
C ALA B 277 9.72 6.37 -16.49
N SER B 278 9.03 5.25 -16.32
CA SER B 278 9.48 4.13 -15.51
C SER B 278 9.60 2.90 -16.41
N GLU B 279 10.42 1.94 -15.97
CA GLU B 279 10.77 0.81 -16.83
C GLU B 279 9.53 0.09 -17.36
N SER B 280 8.56 -0.18 -16.49
CA SER B 280 7.42 -0.99 -16.90
C SER B 280 6.61 -0.33 -18.02
N TRP B 281 6.61 0.99 -18.09
CA TRP B 281 6.05 1.71 -19.23
C TRP B 281 7.06 1.88 -20.35
N LEU B 282 8.28 2.31 -20.01
CA LEU B 282 9.26 2.66 -21.03
C LEU B 282 9.52 1.49 -21.97
N THR B 283 9.50 0.26 -21.44
CA THR B 283 9.65 -0.92 -22.29
C THR B 283 8.41 -1.19 -23.14
N SER B 284 7.29 -0.55 -22.82
CA SER B 284 6.17 -0.42 -23.74
C SER B 284 5.68 -1.71 -24.38
N ASP B 285 5.12 -2.64 -23.60
CA ASP B 285 4.35 -3.69 -24.23
C ASP B 285 3.07 -3.18 -24.85
N LEU B 286 2.58 -2.00 -24.44
CA LEU B 286 1.32 -1.48 -24.94
C LEU B 286 1.38 -0.04 -25.46
N VAL B 287 2.12 0.84 -24.78
CA VAL B 287 1.90 2.28 -24.95
C VAL B 287 2.34 2.75 -26.34
N MET B 288 3.47 2.25 -26.83
CA MET B 288 4.03 2.76 -28.08
C MET B 288 3.17 2.45 -29.30
N THR B 289 2.01 1.79 -29.14
CA THR B 289 1.09 1.55 -30.24
C THR B 289 0.19 2.75 -30.54
N LEU B 290 0.17 3.76 -29.67
CA LEU B 290 -0.77 4.85 -29.84
C LEU B 290 -0.45 5.65 -31.10
N PRO B 291 -1.46 6.04 -31.90
CA PRO B 291 -1.17 6.74 -33.16
C PRO B 291 -0.45 8.07 -33.00
N ASN B 292 -0.73 8.82 -31.93
CA ASN B 292 -0.31 10.22 -31.82
C ASN B 292 0.66 10.44 -30.66
N ILE B 293 1.64 9.57 -30.51
CA ILE B 293 2.59 9.68 -29.39
C ILE B 293 3.33 11.01 -29.43
N ALA B 294 3.75 11.44 -30.63
CA ALA B 294 4.64 12.59 -30.74
C ALA B 294 4.01 13.86 -30.18
N ARG B 295 2.69 13.91 -30.05
CA ARG B 295 2.02 15.08 -29.49
C ARG B 295 2.09 15.12 -27.97
N VAL B 296 2.45 14.01 -27.32
CA VAL B 296 2.52 13.99 -25.86
C VAL B 296 3.60 14.94 -25.37
N GLY B 297 4.72 15.02 -26.09
CA GLY B 297 5.63 16.15 -25.97
C GLY B 297 7.10 15.80 -25.77
N THR B 298 7.39 14.81 -24.93
CA THR B 298 8.76 14.31 -24.77
C THR B 298 8.74 13.20 -23.74
N VAL B 299 9.47 12.12 -24.02
CA VAL B 299 9.51 10.94 -23.16
C VAL B 299 10.96 10.60 -22.89
N LEU B 300 11.27 10.29 -21.64
CA LEU B 300 12.65 10.14 -21.18
C LEU B 300 12.63 9.27 -19.93
N GLY B 301 13.61 8.38 -19.80
CA GLY B 301 13.62 7.49 -18.65
C GLY B 301 14.81 6.56 -18.67
N PHE B 302 15.03 5.93 -17.53
CA PHE B 302 16.17 5.04 -17.32
C PHE B 302 15.79 3.60 -17.63
N LEU B 303 16.79 2.81 -18.03
CA LEU B 303 16.60 1.41 -18.38
C LEU B 303 17.84 0.62 -17.95
N GLN B 304 17.63 -0.66 -17.64
CA GLN B 304 18.71 -1.49 -17.12
C GLN B 304 19.81 -1.70 -18.16
N ARG B 305 20.99 -2.12 -17.68
CA ARG B 305 22.18 -2.24 -18.50
C ARG B 305 22.79 -3.64 -18.41
N GLY B 306 21.96 -4.66 -18.21
CA GLY B 306 22.46 -6.01 -18.06
C GLY B 306 23.00 -6.59 -19.35
N ALA B 307 23.67 -7.73 -19.22
CA ALA B 307 24.31 -8.39 -20.36
C ALA B 307 23.25 -9.05 -21.24
N LEU B 308 23.73 -9.75 -22.28
CA LEU B 308 22.90 -10.36 -23.29
C LEU B 308 23.30 -11.82 -23.50
N LEU B 309 22.36 -12.62 -23.98
CA LEU B 309 22.56 -14.05 -24.24
C LEU B 309 22.41 -14.33 -25.74
N PRO B 310 23.50 -14.32 -26.51
CA PRO B 310 23.37 -14.55 -27.96
C PRO B 310 22.74 -15.88 -28.35
N GLU B 311 22.98 -16.96 -27.60
CA GLU B 311 22.58 -18.30 -28.02
C GLU B 311 21.14 -18.66 -27.66
N PHE B 312 20.43 -17.77 -26.95
CA PHE B 312 19.13 -18.14 -26.39
C PHE B 312 18.11 -18.48 -27.47
N SER B 313 18.07 -17.71 -28.55
CA SER B 313 17.07 -17.95 -29.59
C SER B 313 17.29 -19.31 -30.24
N HIS B 314 18.54 -19.64 -30.56
CA HIS B 314 18.82 -20.94 -31.15
C HIS B 314 18.52 -22.06 -30.17
N TYR B 315 18.78 -21.83 -28.87
CA TYR B 315 18.42 -22.83 -27.88
C TYR B 315 16.92 -23.09 -27.87
N VAL B 316 16.13 -22.02 -27.87
CA VAL B 316 14.67 -22.16 -27.86
C VAL B 316 14.21 -22.94 -29.08
N GLU B 317 14.68 -22.54 -30.26
CA GLU B 317 14.27 -23.22 -31.48
C GLU B 317 14.70 -24.69 -31.47
N THR B 318 15.92 -24.97 -31.01
CA THR B 318 16.40 -26.34 -30.97
C THR B 318 15.53 -27.21 -30.07
N HIS B 319 15.18 -26.71 -28.88
CA HIS B 319 14.41 -27.55 -27.98
C HIS B 319 12.95 -27.65 -28.39
N LEU B 320 12.39 -26.63 -29.04
CA LEU B 320 11.08 -26.80 -29.64
C LEU B 320 11.10 -27.87 -30.71
N ALA B 321 12.13 -27.86 -31.55
CA ALA B 321 12.27 -28.90 -32.57
C ALA B 321 12.37 -30.28 -31.93
N LEU B 322 13.15 -30.40 -30.86
CA LEU B 322 13.25 -31.67 -30.15
C LEU B 322 11.91 -32.11 -29.58
N ALA B 323 11.17 -31.17 -28.99
CA ALA B 323 9.85 -31.47 -28.46
C ALA B 323 8.84 -31.82 -29.55
N ALA B 324 9.15 -31.50 -30.81
CA ALA B 324 8.26 -31.85 -31.91
C ALA B 324 8.52 -33.25 -32.48
N ASP B 325 9.58 -33.94 -32.05
CA ASP B 325 10.00 -35.18 -32.68
C ASP B 325 9.56 -36.38 -31.85
N PRO B 326 8.71 -37.27 -32.37
CA PRO B 326 8.31 -38.46 -31.60
C PRO B 326 9.46 -39.41 -31.31
N ALA B 327 10.45 -39.50 -32.19
CA ALA B 327 11.59 -40.36 -31.92
C ALA B 327 12.40 -39.86 -30.72
N PHE B 328 12.38 -38.56 -30.47
CA PHE B 328 12.97 -38.02 -29.26
C PHE B 328 12.09 -38.28 -28.04
N CYS B 329 10.77 -38.10 -28.19
CA CYS B 329 9.86 -38.31 -27.08
C CYS B 329 9.79 -39.77 -26.65
N ALA B 330 10.18 -40.70 -27.51
CA ALA B 330 10.19 -42.10 -27.13
C ALA B 330 11.23 -42.39 -26.06
N SER B 331 12.21 -41.51 -25.87
CA SER B 331 13.26 -41.70 -24.87
C SER B 331 12.71 -41.49 -23.46
N GLN B 345 -1.80 -31.75 -17.19
CA GLN B 345 -0.40 -31.33 -17.33
C GLN B 345 -0.18 -29.99 -16.64
N ARG B 346 1.10 -29.61 -16.49
CA ARG B 346 1.41 -28.35 -15.82
C ARG B 346 0.93 -27.16 -16.63
N CYS B 347 0.83 -27.30 -17.95
CA CYS B 347 0.15 -26.33 -18.79
C CYS B 347 -0.32 -27.02 -20.06
N PRO B 348 -1.53 -27.60 -20.08
CA PRO B 348 -1.97 -28.32 -21.27
C PRO B 348 -1.97 -27.47 -22.53
N ARG B 349 -2.22 -26.16 -22.41
CA ARG B 349 -2.20 -25.29 -23.57
C ARG B 349 -0.81 -25.12 -24.16
N CYS B 350 0.23 -25.39 -23.37
CA CYS B 350 1.60 -25.22 -23.86
C CYS B 350 1.94 -26.23 -24.94
N ASP B 351 1.31 -27.41 -24.92
CA ASP B 351 1.60 -28.44 -25.90
C ASP B 351 1.08 -28.09 -27.29
N ASP B 352 0.17 -27.13 -27.40
CA ASP B 352 -0.44 -26.75 -28.66
C ASP B 352 0.39 -25.76 -29.45
N ILE B 353 1.61 -25.46 -29.03
CA ILE B 353 2.39 -24.34 -29.55
C ILE B 353 3.54 -24.88 -30.38
N MET B 354 3.69 -24.35 -31.60
CA MET B 354 4.76 -24.69 -32.51
C MET B 354 5.77 -23.56 -32.60
N LEU B 355 6.84 -23.81 -33.34
CA LEU B 355 7.89 -22.81 -33.48
C LEU B 355 7.36 -21.52 -34.08
N GLN B 356 6.50 -21.62 -35.09
CA GLN B 356 5.98 -20.42 -35.75
C GLN B 356 5.17 -19.54 -34.80
N ASN B 357 4.60 -20.11 -33.74
CA ASN B 357 3.89 -19.33 -32.74
C ASN B 357 4.85 -18.58 -31.82
N LEU B 358 6.12 -18.98 -31.79
CA LEU B 358 7.15 -18.38 -30.94
C LEU B 358 8.23 -17.74 -31.81
N SER B 359 7.80 -16.98 -32.80
CA SER B 359 8.70 -16.46 -33.82
C SER B 359 9.80 -15.61 -33.20
N SER B 360 10.96 -15.60 -33.87
CA SER B 360 12.10 -14.81 -33.41
C SER B 360 11.77 -13.33 -33.29
N GLY B 361 10.79 -12.82 -34.04
CA GLY B 361 10.42 -11.43 -33.94
C GLY B 361 10.00 -11.03 -32.53
N LEU B 362 9.52 -11.99 -31.73
CA LEU B 362 9.22 -11.70 -30.33
C LEU B 362 10.50 -11.50 -29.52
N LEU B 363 11.53 -12.32 -29.78
CA LEU B 363 12.73 -12.29 -28.96
C LEU B 363 13.69 -11.17 -29.36
N GLN B 364 13.57 -10.63 -30.57
CA GLN B 364 14.43 -9.54 -31.02
C GLN B 364 13.93 -8.16 -30.58
N ASN B 365 12.85 -8.10 -29.79
CA ASN B 365 12.23 -6.82 -29.50
C ASN B 365 13.18 -5.88 -28.76
N LEU B 366 13.50 -6.21 -27.51
CA LEU B 366 14.29 -5.31 -26.68
C LEU B 366 15.09 -6.09 -25.63
N LEU B 371 12.51 -8.56 -24.03
CA LEU B 371 12.47 -9.48 -22.89
C LEU B 371 13.87 -9.80 -22.37
N HIS B 372 14.89 -9.18 -22.97
CA HIS B 372 16.26 -9.56 -22.66
C HIS B 372 16.57 -9.39 -21.18
N HIS B 373 16.05 -8.33 -20.55
CA HIS B 373 16.38 -8.06 -19.16
C HIS B 373 15.92 -9.19 -18.26
N GLN B 374 14.65 -9.61 -18.38
CA GLN B 374 14.12 -10.65 -17.51
C GLN B 374 14.70 -12.02 -17.83
N ILE B 375 14.97 -12.30 -19.11
CA ILE B 375 15.60 -13.56 -19.48
C ILE B 375 16.99 -13.67 -18.85
N PHE B 376 17.78 -12.61 -18.97
CA PHE B 376 19.09 -12.61 -18.35
C PHE B 376 18.99 -12.68 -16.84
N ALA B 377 17.99 -12.02 -16.25
CA ALA B 377 17.82 -12.09 -14.81
C ALA B 377 17.53 -13.51 -14.35
N THR B 378 16.71 -14.25 -15.11
CA THR B 378 16.45 -15.65 -14.76
C THR B 378 17.72 -16.48 -14.84
N TYR B 379 18.48 -16.29 -15.92
CA TYR B 379 19.76 -16.98 -16.07
C TYR B 379 20.67 -16.71 -14.87
N ALA B 380 20.77 -15.43 -14.49
CA ALA B 380 21.64 -15.03 -13.38
C ALA B 380 21.12 -15.56 -12.05
N ALA B 381 19.81 -15.67 -11.88
CA ALA B 381 19.27 -16.26 -10.65
C ALA B 381 19.70 -17.72 -10.51
N VAL B 382 19.58 -18.49 -11.60
CA VAL B 382 20.06 -19.87 -11.56
C VAL B 382 21.53 -19.90 -11.17
N TYR B 383 22.34 -19.03 -11.81
CA TYR B 383 23.76 -19.04 -11.51
C TYR B 383 24.06 -18.63 -10.08
N SER B 384 23.29 -17.69 -9.52
CA SER B 384 23.50 -17.30 -8.13
C SER B 384 23.24 -18.47 -7.18
N VAL B 385 22.14 -19.19 -7.38
CA VAL B 385 21.86 -20.34 -6.52
C VAL B 385 22.98 -21.39 -6.67
N ALA B 386 23.40 -21.65 -7.90
CA ALA B 386 24.42 -22.67 -8.12
C ALA B 386 25.75 -22.28 -7.47
N GLN B 387 26.15 -21.01 -7.58
CA GLN B 387 27.39 -20.57 -6.94
C GLN B 387 27.27 -20.65 -5.42
N ALA B 388 26.12 -20.30 -4.86
CA ALA B 388 25.94 -20.39 -3.42
C ALA B 388 26.09 -21.84 -2.95
N LEU B 389 25.47 -22.78 -3.67
CA LEU B 389 25.64 -24.19 -3.33
C LEU B 389 27.10 -24.63 -3.50
N HIS B 390 27.76 -24.14 -4.56
CA HIS B 390 29.17 -24.46 -4.76
C HIS B 390 30.00 -24.02 -3.55
N ASN B 391 29.66 -22.87 -2.97
CA ASN B 391 30.36 -22.41 -1.77
C ASN B 391 30.00 -23.28 -0.56
N THR B 392 28.72 -23.59 -0.39
CA THR B 392 28.29 -24.32 0.80
C THR B 392 28.93 -25.71 0.85
N LEU B 393 29.05 -26.36 -0.29
CA LEU B 393 29.69 -27.67 -0.35
C LEU B 393 31.21 -27.58 -0.32
N GLN B 394 31.77 -26.38 -0.20
CA GLN B 394 33.21 -26.20 -0.04
C GLN B 394 33.97 -26.89 -1.18
N CYS B 395 33.50 -26.68 -2.40
CA CYS B 395 33.97 -27.46 -3.53
C CYS B 395 35.40 -27.10 -3.91
N ASN B 396 36.18 -28.12 -4.23
CA ASN B 396 37.48 -27.96 -4.88
C ASN B 396 37.26 -28.00 -6.38
N VAL B 397 38.35 -28.02 -7.14
CA VAL B 397 38.26 -28.46 -8.53
C VAL B 397 38.04 -29.96 -8.54
N SER B 398 36.93 -30.39 -9.14
CA SER B 398 36.61 -31.80 -9.39
C SER B 398 36.12 -32.55 -8.15
N HIS B 399 35.94 -31.88 -7.01
CA HIS B 399 35.53 -32.59 -5.80
C HIS B 399 34.66 -31.69 -4.93
N CYS B 400 33.84 -32.33 -4.10
CA CYS B 400 32.88 -31.62 -3.25
C CYS B 400 32.80 -32.32 -1.90
N HIS B 401 32.16 -31.64 -0.95
CA HIS B 401 31.90 -32.19 0.38
C HIS B 401 30.64 -33.08 0.33
N VAL B 402 30.76 -34.17 -0.42
CA VAL B 402 29.59 -34.99 -0.77
C VAL B 402 29.00 -35.72 0.42
N SER B 403 29.73 -35.82 1.53
CA SER B 403 29.30 -36.68 2.63
C SER B 403 28.07 -36.16 3.38
N GLU B 404 27.52 -35.01 3.02
CA GLU B 404 26.32 -34.48 3.67
C GLU B 404 25.38 -33.89 2.62
N HIS B 405 24.13 -33.73 3.03
CA HIS B 405 23.09 -33.15 2.19
C HIS B 405 22.73 -31.77 2.74
N VAL B 406 22.79 -30.76 1.86
CA VAL B 406 22.57 -29.38 2.28
C VAL B 406 21.07 -29.12 2.40
N LEU B 407 20.67 -28.46 3.51
CA LEU B 407 19.31 -27.95 3.66
C LEU B 407 19.24 -26.48 3.25
N PRO B 408 18.07 -25.99 2.85
CA PRO B 408 17.99 -24.60 2.36
C PRO B 408 18.52 -23.55 3.33
N TRP B 409 18.21 -23.68 4.63
CA TRP B 409 18.64 -22.67 5.58
C TRP B 409 20.15 -22.65 5.73
N GLN B 410 20.84 -23.74 5.37
CA GLN B 410 22.29 -23.74 5.34
C GLN B 410 22.83 -22.99 4.13
N LEU B 411 22.16 -23.11 2.99
CA LEU B 411 22.53 -22.35 1.81
C LEU B 411 22.32 -20.86 2.03
N LEU B 412 21.27 -20.50 2.77
CA LEU B 412 20.97 -19.09 3.04
C LEU B 412 22.14 -18.38 3.71
N GLU B 413 22.89 -19.09 4.56
CA GLU B 413 24.02 -18.46 5.24
C GLU B 413 25.07 -17.97 4.25
N ASN B 414 25.38 -18.79 3.24
CA ASN B 414 26.37 -18.40 2.25
C ASN B 414 25.82 -17.40 1.24
N MET B 415 24.51 -17.45 0.96
CA MET B 415 24.00 -16.64 -0.16
C MET B 415 24.18 -15.14 0.05
N TYR B 416 24.36 -14.69 1.29
CA TYR B 416 24.53 -13.25 1.54
C TYR B 416 25.95 -12.76 1.34
N ASN B 417 26.93 -13.66 1.25
CA ASN B 417 28.35 -13.32 1.38
C ASN B 417 29.12 -13.82 0.17
N MET B 418 28.59 -13.54 -1.03
CA MET B 418 29.10 -14.17 -2.23
C MET B 418 29.18 -13.18 -3.37
N SER B 419 29.94 -13.55 -4.39
CA SER B 419 29.90 -12.95 -5.71
C SER B 419 29.79 -14.07 -6.74
N PHE B 420 28.91 -13.89 -7.72
CA PHE B 420 28.66 -14.91 -8.72
C PHE B 420 28.77 -14.32 -10.11
N HIS B 421 29.15 -15.16 -11.06
CA HIS B 421 29.45 -14.75 -12.43
C HIS B 421 28.30 -15.13 -13.35
N ALA B 422 27.66 -14.13 -13.94
CA ALA B 422 26.86 -14.36 -15.14
C ALA B 422 27.80 -14.35 -16.34
N ARG B 423 27.25 -14.28 -17.55
CA ARG B 423 28.10 -14.23 -18.73
C ARG B 423 28.89 -12.92 -18.73
N ASP B 424 30.16 -13.01 -18.35
CA ASP B 424 31.07 -11.86 -18.36
C ASP B 424 30.54 -10.70 -17.51
N LEU B 425 29.95 -11.01 -16.35
CA LEU B 425 29.43 -9.97 -15.47
C LEU B 425 29.33 -10.52 -14.05
N THR B 426 30.09 -9.91 -13.14
CA THR B 426 30.04 -10.26 -11.73
C THR B 426 28.87 -9.55 -11.05
N LEU B 427 28.16 -10.27 -10.19
CA LEU B 427 27.05 -9.72 -9.42
C LEU B 427 27.18 -10.14 -7.97
N GLN B 428 26.62 -9.31 -7.08
CA GLN B 428 26.64 -9.58 -5.65
C GLN B 428 25.31 -9.20 -5.02
N PHE B 429 24.83 -10.04 -4.11
CA PHE B 429 23.70 -9.69 -3.27
C PHE B 429 24.18 -8.85 -2.10
N ASP B 430 23.52 -7.71 -1.87
CA ASP B 430 23.89 -6.84 -0.76
C ASP B 430 23.17 -7.28 0.51
N ALA B 431 23.31 -6.49 1.57
CA ALA B 431 22.70 -6.82 2.86
C ALA B 431 21.19 -6.86 2.80
N GLU B 432 20.57 -6.23 1.81
CA GLU B 432 19.12 -6.25 1.63
C GLU B 432 18.69 -7.16 0.50
N GLY B 433 19.58 -8.01 -0.01
CA GLY B 433 19.23 -8.99 -1.02
C GLY B 433 19.08 -8.46 -2.43
N ASN B 434 19.50 -7.22 -2.68
CA ASN B 434 19.44 -6.65 -4.03
C ASN B 434 20.80 -6.74 -4.70
N VAL B 435 20.78 -6.74 -6.03
CA VAL B 435 21.99 -6.61 -6.82
C VAL B 435 22.22 -5.14 -7.13
N ASP B 436 23.44 -4.82 -7.55
CA ASP B 436 23.80 -3.48 -8.00
C ASP B 436 24.04 -3.51 -9.49
N MET B 437 23.39 -2.59 -10.22
CA MET B 437 23.45 -2.61 -11.67
C MET B 437 23.43 -1.19 -12.23
N GLU B 438 24.01 -1.03 -13.40
CA GLU B 438 24.03 0.24 -14.11
C GLU B 438 22.74 0.44 -14.90
N TYR B 439 22.52 1.68 -15.33
CA TYR B 439 21.36 2.03 -16.14
C TYR B 439 21.78 2.84 -17.35
N ASP B 440 21.03 2.69 -18.44
CA ASP B 440 21.05 3.65 -19.53
C ASP B 440 19.95 4.67 -19.33
N LEU B 441 20.16 5.86 -19.86
CA LEU B 441 19.13 6.88 -19.95
C LEU B 441 18.64 6.94 -21.39
N LYS B 442 17.37 6.62 -21.61
CA LYS B 442 16.81 6.49 -22.95
C LYS B 442 15.87 7.64 -23.23
N MET B 443 15.98 8.20 -24.43
CA MET B 443 15.09 9.25 -24.90
C MET B 443 14.40 8.79 -26.18
N TRP B 444 13.08 8.98 -26.23
CA TRP B 444 12.32 8.65 -27.43
C TRP B 444 12.59 9.69 -28.51
N VAL B 445 12.95 9.22 -29.69
CA VAL B 445 13.21 10.08 -30.85
C VAL B 445 12.08 9.88 -31.84
N TRP B 446 11.47 10.98 -32.29
CA TRP B 446 10.36 10.94 -33.24
C TRP B 446 10.75 11.47 -34.62
N GLN B 447 12.01 11.86 -34.83
CA GLN B 447 12.44 12.22 -36.18
C GLN B 447 12.52 11.00 -37.08
N SER B 448 12.63 9.80 -36.50
CA SER B 448 12.49 8.58 -37.28
C SER B 448 11.01 8.32 -37.56
N PRO B 449 10.71 7.54 -38.59
CA PRO B 449 9.30 7.28 -38.92
C PRO B 449 8.61 6.35 -37.93
N THR B 450 9.31 5.98 -36.85
CA THR B 450 8.75 5.14 -35.80
C THR B 450 9.47 5.50 -34.51
N PRO B 451 8.76 5.59 -33.38
CA PRO B 451 9.44 5.93 -32.11
C PRO B 451 10.45 4.87 -31.73
N VAL B 452 11.67 5.32 -31.41
CA VAL B 452 12.79 4.44 -31.14
C VAL B 452 13.58 4.98 -29.95
N LEU B 453 14.04 4.08 -29.10
CA LEU B 453 14.82 4.47 -27.92
C LEU B 453 16.25 4.81 -28.32
N HIS B 454 16.71 5.98 -27.89
CA HIS B 454 18.11 6.40 -28.06
C HIS B 454 18.75 6.58 -26.70
N THR B 455 19.97 6.05 -26.53
CA THR B 455 20.74 6.26 -25.32
C THR B 455 21.32 7.67 -25.31
N VAL B 456 21.05 8.41 -24.25
CA VAL B 456 21.58 9.77 -24.09
C VAL B 456 22.36 9.93 -22.80
N GLY B 457 22.56 8.88 -22.02
CA GLY B 457 23.31 8.99 -20.80
C GLY B 457 23.34 7.66 -20.07
N THR B 458 24.03 7.65 -18.94
CA THR B 458 24.13 6.47 -18.10
C THR B 458 24.08 6.88 -16.63
N PHE B 459 23.69 5.93 -15.80
CA PHE B 459 23.66 6.11 -14.35
C PHE B 459 24.26 4.87 -13.69
N ASN B 460 25.19 5.10 -12.75
CA ASN B 460 25.82 4.01 -12.01
C ASN B 460 25.99 4.41 -10.54
N GLY B 461 25.01 5.14 -10.00
CA GLY B 461 25.19 5.89 -8.78
C GLY B 461 25.60 7.33 -9.02
N THR B 462 26.22 7.62 -10.15
CA THR B 462 26.45 8.96 -10.64
C THR B 462 25.88 9.08 -12.04
N LEU B 463 25.36 10.25 -12.37
CA LEU B 463 24.67 10.47 -13.62
C LEU B 463 25.62 11.12 -14.63
N GLN B 464 25.80 10.48 -15.77
CA GLN B 464 26.59 11.00 -16.87
C GLN B 464 25.66 11.26 -18.05
N LEU B 465 25.65 12.49 -18.55
CA LEU B 465 24.77 12.91 -19.63
C LEU B 465 25.57 13.29 -20.85
N GLN B 466 25.16 12.78 -22.01
CA GLN B 466 25.71 13.20 -23.30
C GLN B 466 24.86 14.35 -23.85
N GLN B 467 24.99 15.50 -23.18
CA GLN B 467 24.09 16.62 -23.44
C GLN B 467 24.18 17.11 -24.88
N SER B 468 25.33 16.93 -25.54
CA SER B 468 25.44 17.32 -26.93
C SER B 468 24.54 16.46 -27.82
N LYS B 469 24.08 15.32 -27.32
CA LYS B 469 23.22 14.41 -28.06
C LYS B 469 21.74 14.57 -27.73
N MET B 470 21.39 15.43 -26.77
CA MET B 470 20.04 15.50 -26.25
C MET B 470 19.08 16.06 -27.31
N TYR B 471 17.99 15.34 -27.55
CA TYR B 471 17.03 15.66 -28.62
C TYR B 471 15.85 16.51 -28.12
N TRP B 472 16.11 17.69 -27.57
CA TRP B 472 15.00 18.53 -27.15
C TRP B 472 14.26 19.10 -28.37
N PRO B 473 12.98 19.41 -28.23
CA PRO B 473 12.26 20.12 -29.31
C PRO B 473 12.75 21.56 -29.41
N GLY B 474 13.25 21.92 -30.59
CA GLY B 474 13.81 23.25 -30.79
C GLY B 474 15.17 23.40 -30.14
N ASN B 475 15.77 24.56 -30.36
CA ASN B 475 17.09 24.89 -29.81
C ASN B 475 17.01 25.40 -28.37
N GLN B 476 16.37 24.64 -27.49
CA GLN B 476 16.19 25.08 -26.11
C GLN B 476 15.93 23.87 -25.23
N VAL B 477 16.23 24.02 -23.94
CA VAL B 477 16.01 22.97 -22.95
C VAL B 477 14.85 23.40 -22.06
N PRO B 478 13.88 22.53 -21.79
CA PRO B 478 12.72 22.93 -20.98
C PRO B 478 13.10 23.23 -19.54
N VAL B 479 12.26 24.04 -18.90
CA VAL B 479 12.48 24.48 -17.52
C VAL B 479 11.16 24.45 -16.76
N SER B 480 11.24 24.22 -15.46
CA SER B 480 10.11 24.34 -14.55
C SER B 480 10.67 24.56 -13.15
N GLN B 481 10.41 25.73 -12.57
CA GLN B 481 11.08 26.13 -11.35
C GLN B 481 10.15 26.93 -10.45
N CYS B 482 10.56 27.05 -9.19
CA CYS B 482 9.83 27.81 -8.19
C CYS B 482 10.83 28.49 -7.25
N SER B 483 10.36 29.53 -6.58
CA SER B 483 11.22 30.33 -5.71
C SER B 483 11.39 29.64 -4.37
N ARG B 484 12.64 29.45 -3.95
CA ARG B 484 12.91 28.95 -2.60
C ARG B 484 12.85 30.07 -1.57
N GLN B 485 13.19 31.30 -1.98
CA GLN B 485 13.03 32.47 -1.14
C GLN B 485 12.70 33.66 -2.02
N CYS B 486 12.02 34.64 -1.44
CA CYS B 486 11.63 35.85 -2.17
C CYS B 486 12.62 36.97 -1.90
N LYS B 487 12.51 38.02 -2.72
CA LYS B 487 13.28 39.23 -2.49
C LYS B 487 12.67 40.03 -1.35
N ASP B 488 13.44 41.02 -0.86
CA ASP B 488 13.01 41.79 0.30
C ASP B 488 11.73 42.57 0.01
N GLY B 489 11.62 43.13 -1.18
CA GLY B 489 10.47 43.95 -1.52
C GLY B 489 9.27 43.18 -2.03
N GLN B 490 9.07 41.96 -1.52
CA GLN B 490 8.01 41.08 -2.01
C GLN B 490 7.32 40.39 -0.84
N VAL B 491 6.10 39.91 -1.12
CA VAL B 491 5.30 39.18 -0.16
C VAL B 491 5.26 37.70 -0.57
N ARG B 492 5.41 36.82 0.40
CA ARG B 492 5.48 35.40 0.11
C ARG B 492 4.10 34.80 -0.09
N ARG B 493 4.08 33.62 -0.72
CA ARG B 493 2.88 32.81 -0.80
C ARG B 493 3.30 31.36 -1.07
N VAL B 494 3.00 30.47 -0.13
CA VAL B 494 3.41 29.08 -0.25
C VAL B 494 2.60 28.37 -1.33
N LYS B 495 3.23 27.38 -1.97
CA LYS B 495 2.55 26.52 -2.92
C LYS B 495 3.19 25.15 -2.89
N GLY B 496 2.48 24.17 -3.45
CA GLY B 496 2.97 22.81 -3.56
C GLY B 496 2.18 21.85 -2.68
N PHE B 497 2.33 20.56 -3.00
CA PHE B 497 1.67 19.53 -2.22
C PHE B 497 2.14 19.57 -0.78
N HIS B 498 3.41 19.91 -0.56
CA HIS B 498 3.91 20.34 0.73
C HIS B 498 4.28 21.81 0.64
N SER B 499 4.23 22.52 1.76
CA SER B 499 4.55 23.94 1.76
C SER B 499 6.04 24.15 1.60
N CYS B 500 6.58 23.79 0.44
CA CYS B 500 8.02 23.74 0.22
C CYS B 500 8.56 25.01 -0.43
N CYS B 501 7.84 25.61 -1.37
CA CYS B 501 8.34 26.75 -2.13
C CYS B 501 7.25 27.81 -2.28
N TYR B 502 7.64 28.95 -2.84
CA TYR B 502 6.82 30.14 -2.86
C TYR B 502 6.66 30.70 -4.27
N ASP B 503 5.57 31.44 -4.46
CA ASP B 503 5.42 32.35 -5.60
C ASP B 503 5.36 33.77 -5.05
N CYS B 504 5.90 34.71 -5.81
CA CYS B 504 6.22 36.05 -5.30
C CYS B 504 5.15 37.06 -5.70
N VAL B 505 4.81 37.95 -4.77
CA VAL B 505 3.89 39.05 -5.00
C VAL B 505 4.67 40.35 -4.92
N ASP B 506 4.55 41.20 -5.95
CA ASP B 506 5.12 42.54 -5.92
C ASP B 506 4.09 43.51 -5.36
N CYS B 507 4.50 44.29 -4.36
CA CYS B 507 3.60 45.27 -3.75
C CYS B 507 3.40 46.44 -4.70
N LYS B 508 2.17 46.64 -5.16
CA LYS B 508 1.87 47.76 -6.04
C LYS B 508 1.82 49.05 -5.25
N ALA B 509 2.02 50.17 -5.95
CA ALA B 509 2.00 51.48 -5.32
C ALA B 509 0.70 51.67 -4.55
N GLY B 510 0.78 52.41 -3.45
CA GLY B 510 -0.35 52.58 -2.56
C GLY B 510 -0.51 51.49 -1.51
N SER B 511 0.46 50.60 -1.39
CA SER B 511 0.45 49.55 -0.37
C SER B 511 1.89 49.26 0.01
N TYR B 512 2.07 48.65 1.18
CA TYR B 512 3.40 48.43 1.71
C TYR B 512 3.50 47.05 2.35
N ARG B 513 4.72 46.53 2.36
CA ARG B 513 5.06 45.22 2.92
C ARG B 513 5.23 45.34 4.43
N LYS B 514 4.11 45.24 5.14
CA LYS B 514 4.14 45.44 6.59
C LYS B 514 5.04 44.41 7.26
N HIS B 515 4.95 43.15 6.87
CA HIS B 515 5.79 42.10 7.41
C HIS B 515 6.64 41.47 6.31
N PRO B 516 7.86 41.04 6.63
CA PRO B 516 8.68 40.28 5.65
C PRO B 516 8.23 38.83 5.57
N ASP B 517 6.94 38.63 5.25
CA ASP B 517 6.31 37.35 5.47
C ASP B 517 5.18 37.16 4.46
N ASP B 518 4.36 36.12 4.67
CA ASP B 518 3.24 35.82 3.79
C ASP B 518 2.13 36.87 3.88
N PHE B 519 2.15 37.70 4.93
CA PHE B 519 1.08 38.65 5.16
C PHE B 519 0.91 39.59 3.97
N THR B 520 -0.34 39.76 3.53
CA THR B 520 -0.63 40.58 2.36
C THR B 520 -0.25 42.04 2.60
N CYS B 521 0.14 42.72 1.52
CA CYS B 521 0.53 44.12 1.62
C CYS B 521 -0.63 44.98 2.10
N THR B 522 -0.34 45.87 3.06
CA THR B 522 -1.36 46.70 3.68
C THR B 522 -1.62 47.95 2.85
N PRO B 523 -2.87 48.39 2.70
CA PRO B 523 -3.13 49.67 2.04
C PRO B 523 -2.44 50.82 2.75
N CYS B 524 -2.04 51.83 1.97
CA CYS B 524 -1.21 52.91 2.47
C CYS B 524 -1.99 53.85 3.39
N ASN B 525 -1.30 54.40 4.39
CA ASN B 525 -1.91 55.38 5.28
C ASN B 525 -2.32 56.63 4.51
N GLN B 526 -3.47 57.19 4.87
CA GLN B 526 -4.07 58.25 4.06
C GLN B 526 -3.15 59.47 3.95
N ASP B 527 -2.53 59.88 5.05
CA ASP B 527 -1.65 61.04 5.04
C ASP B 527 -0.26 60.72 4.50
N GLN B 528 -0.10 59.61 3.78
CA GLN B 528 1.19 59.19 3.26
C GLN B 528 0.98 58.52 1.91
N TRP B 529 2.08 58.07 1.31
CA TRP B 529 2.05 57.39 0.02
C TRP B 529 3.17 56.36 0.00
N SER B 530 3.09 55.44 -0.98
CA SER B 530 4.07 54.37 -1.13
C SER B 530 4.30 54.10 -2.62
N PRO B 531 5.56 54.12 -3.08
CA PRO B 531 5.84 53.69 -4.45
C PRO B 531 5.92 52.16 -4.55
N GLU B 532 6.21 51.70 -5.77
CA GLU B 532 6.28 50.28 -6.04
C GLU B 532 7.35 49.61 -5.19
N LYS B 533 7.03 48.40 -4.73
CA LYS B 533 8.00 47.52 -4.07
C LYS B 533 8.50 48.07 -2.74
N SER B 534 7.96 49.22 -2.30
CA SER B 534 8.45 49.84 -1.09
C SER B 534 7.89 49.16 0.16
N THR B 535 8.67 49.20 1.23
CA THR B 535 8.36 48.48 2.46
C THR B 535 7.62 49.31 3.49
N ALA B 536 7.36 50.60 3.24
CA ALA B 536 6.77 51.44 4.28
C ALA B 536 6.06 52.62 3.63
N CYS B 537 5.18 53.23 4.42
CA CYS B 537 4.54 54.47 4.01
C CYS B 537 5.54 55.62 4.04
N LEU B 538 5.30 56.62 3.20
CA LEU B 538 6.24 57.71 3.03
C LEU B 538 5.47 59.04 3.01
N PRO B 539 6.00 60.09 3.63
CA PRO B 539 5.27 61.37 3.65
C PRO B 539 5.14 61.94 2.25
N ARG B 540 3.92 62.37 1.91
CA ARG B 540 3.66 62.89 0.58
C ARG B 540 4.03 64.36 0.43
N ARG B 541 4.14 65.09 1.55
CA ARG B 541 4.49 66.50 1.51
C ARG B 541 3.64 67.26 0.49
#